data_3U7I
#
_entry.id   3U7I
#
_cell.length_a   102.802
_cell.length_b   113.470
_cell.length_c   91.115
_cell.angle_alpha   90.00
_cell.angle_beta   90.31
_cell.angle_gamma   90.00
#
_symmetry.space_group_name_H-M   'C 1 2 1'
#
loop_
_entity.id
_entity.type
_entity.pdbx_description
1 polymer 'FMN-dependent NADH-azoreductase 1'
2 non-polymer 'CHLORIDE ION'
3 non-polymer GLYCEROL
4 non-polymer DI(HYDROXYETHYL)ETHER
5 water water
#
_entity_poly.entity_id   1
_entity_poly.type   'polypeptide(L)'
_entity_poly.pdbx_seq_one_letter_code
;SNA(MSE)NKTLIINAHPKVDDTSSVSIKVFKHFLESYKELISNNETIEQINLYDDVVP(MSE)IDKTVLSAWEKQGNGQ
ELTREEQKVTER(MSE)SEILQQFKSANTYVIVLPLHNFNIPSKLKDY(MSE)DNI(MSE)IARETFKYTETGSVGLLKD
GRR(MSE)LVIQASGGIYTNDDWYTDVEYSHKYLKA(MSE)FNFLGIEDYQIVRAQGTAVLDPTEVLQNAYKEVEEAASR
LANKYIFSLEE
;
_entity_poly.pdbx_strand_id   A,B,C,D
#
loop_
_chem_comp.id
_chem_comp.type
_chem_comp.name
_chem_comp.formula
CL non-polymer 'CHLORIDE ION' 'Cl -1'
GOL non-polymer GLYCEROL 'C3 H8 O3'
PEG non-polymer DI(HYDROXYETHYL)ETHER 'C4 H10 O3'
#
# COMPACT_ATOMS: atom_id res chain seq x y z
N ALA A 3 33.02 -8.91 20.54
CA ALA A 3 31.90 -8.14 21.07
C ALA A 3 31.94 -6.69 20.59
N MSE A 4 30.76 -6.14 20.36
CA MSE A 4 30.58 -4.72 20.19
C MSE A 4 29.35 -4.33 21.00
O MSE A 4 28.25 -4.82 20.72
CB MSE A 4 30.36 -4.38 18.71
CG MSE A 4 29.61 -3.08 18.49
SE MSE A 4 29.47 -2.63 16.60
CE MSE A 4 31.38 -2.48 16.24
N ASN A 5 29.54 -3.50 22.02
CA ASN A 5 28.41 -2.97 22.78
C ASN A 5 27.54 -2.11 21.88
N LYS A 6 26.23 -2.19 22.06
CA LYS A 6 25.33 -1.41 21.26
C LYS A 6 24.11 -1.03 22.10
N THR A 7 23.79 0.26 22.06
CA THR A 7 22.55 0.77 22.65
C THR A 7 21.56 1.01 21.51
N LEU A 8 20.36 0.44 21.65
CA LEU A 8 19.36 0.57 20.61
C LEU A 8 18.20 1.40 21.13
N ILE A 9 17.92 2.50 20.42
CA ILE A 9 16.80 3.37 20.77
CA ILE A 9 16.80 3.37 20.77
C ILE A 9 15.57 2.96 19.97
N ILE A 10 14.52 2.58 20.68
CA ILE A 10 13.25 2.19 20.03
C ILE A 10 12.28 3.34 20.26
N ASN A 11 12.16 4.19 19.24
CA ASN A 11 11.35 5.38 19.33
C ASN A 11 9.91 5.10 18.91
N ALA A 12 9.01 5.05 19.89
CA ALA A 12 7.62 4.70 19.63
C ALA A 12 6.68 5.92 19.51
N HIS A 13 7.25 7.10 19.31
CA HIS A 13 6.41 8.30 19.20
C HIS A 13 5.97 8.57 17.77
N PRO A 14 4.67 8.80 17.57
CA PRO A 14 4.16 9.12 16.23
C PRO A 14 4.77 10.40 15.63
N LYS A 15 5.22 11.33 16.48
CA LYS A 15 5.83 12.59 16.02
C LYS A 15 7.32 12.45 15.70
N VAL A 16 7.89 11.29 16.02
CA VAL A 16 9.27 10.95 15.69
C VAL A 16 10.34 11.86 16.33
N ASP A 17 10.56 13.06 15.77
CA ASP A 17 11.67 13.91 16.24
C ASP A 17 11.23 15.26 16.81
N ASP A 18 9.94 15.54 16.75
CA ASP A 18 9.36 16.80 17.22
C ASP A 18 9.51 16.96 18.74
N THR A 19 10.31 17.94 19.18
CA THR A 19 10.57 18.14 20.60
C THR A 19 9.46 18.90 21.34
N SER A 20 8.37 19.22 20.65
CA SER A 20 7.19 19.72 21.33
C SER A 20 6.58 18.59 22.16
N SER A 21 7.06 17.37 21.92
CA SER A 21 6.63 16.20 22.68
C SER A 21 7.51 16.00 23.93
N VAL A 22 6.88 15.88 25.09
CA VAL A 22 7.60 15.72 26.36
C VAL A 22 8.55 14.52 26.36
N SER A 23 8.07 13.35 25.97
CA SER A 23 8.87 12.14 26.00
C SER A 23 10.11 12.25 25.08
N ILE A 24 9.94 12.90 23.93
CA ILE A 24 11.06 13.10 23.02
C ILE A 24 12.05 14.12 23.59
N LYS A 25 11.54 15.18 24.20
CA LYS A 25 12.36 16.17 24.90
C LYS A 25 13.23 15.48 25.96
N VAL A 26 12.61 14.65 26.80
CA VAL A 26 13.34 13.94 27.85
C VAL A 26 14.35 12.95 27.28
N PHE A 27 13.96 12.24 26.21
CA PHE A 27 14.87 11.32 25.55
C PHE A 27 16.11 12.05 25.02
N LYS A 28 15.89 13.18 24.35
CA LYS A 28 17.01 13.94 23.80
C LYS A 28 17.96 14.36 24.92
N HIS A 29 17.39 14.73 26.06
CA HIS A 29 18.19 15.05 27.23
C HIS A 29 18.98 13.84 27.70
N PHE A 30 18.32 12.70 27.78
CA PHE A 30 19.01 11.46 28.11
C PHE A 30 20.18 11.22 27.14
N LEU A 31 19.93 11.37 25.84
CA LEU A 31 20.93 10.95 24.85
C LEU A 31 22.20 11.78 24.95
N GLU A 32 22.04 13.09 25.07
CA GLU A 32 23.16 14.01 25.25
C GLU A 32 24.03 13.65 26.46
N SER A 33 23.40 13.38 27.61
CA SER A 33 24.13 12.97 28.82
C SER A 33 24.89 11.67 28.63
N TYR A 34 24.20 10.67 28.08
CA TYR A 34 24.75 9.34 27.83
C TYR A 34 25.95 9.41 26.87
N LYS A 35 25.78 10.07 25.72
CA LYS A 35 26.88 10.22 24.76
C LYS A 35 28.16 10.83 25.36
N GLU A 36 28.01 11.65 26.40
CA GLU A 36 29.15 12.24 27.09
C GLU A 36 29.87 11.25 27.99
N LEU A 37 29.16 10.19 28.39
CA LEU A 37 29.67 9.26 29.39
C LEU A 37 30.18 7.94 28.82
N ILE A 38 29.63 7.51 27.68
CA ILE A 38 30.00 6.22 27.10
C ILE A 38 31.44 6.17 26.58
N SER A 39 31.97 4.96 26.47
CA SER A 39 33.30 4.73 25.91
C SER A 39 33.23 4.65 24.39
N ASN A 40 34.39 4.45 23.77
CA ASN A 40 34.44 4.27 22.34
C ASN A 40 33.96 2.88 21.89
N ASN A 41 33.82 1.95 22.83
CA ASN A 41 33.10 0.70 22.55
C ASN A 41 31.63 0.84 22.90
N GLU A 42 30.90 1.53 22.03
CA GLU A 42 29.47 1.72 22.22
C GLU A 42 28.89 2.33 20.95
N THR A 43 28.15 1.51 20.20
CA THR A 43 27.49 1.94 18.98
C THR A 43 26.04 2.29 19.33
N ILE A 44 25.58 3.46 18.93
CA ILE A 44 24.18 3.82 19.18
C ILE A 44 23.39 3.78 17.87
N GLU A 45 22.31 3.02 17.86
CA GLU A 45 21.42 2.97 16.70
C GLU A 45 20.01 3.30 17.14
N GLN A 46 19.20 3.76 16.19
CA GLN A 46 17.82 4.14 16.51
C GLN A 46 16.85 3.67 15.43
N ILE A 47 15.73 3.12 15.86
CA ILE A 47 14.67 2.77 14.95
C ILE A 47 13.43 3.61 15.32
N ASN A 48 12.88 4.31 14.34
CA ASN A 48 11.70 5.12 14.54
C ASN A 48 10.49 4.37 14.05
N LEU A 49 9.66 3.92 14.99
CA LEU A 49 8.56 3.01 14.67
C LEU A 49 7.50 3.67 13.80
N TYR A 50 7.46 4.99 13.80
CA TYR A 50 6.48 5.73 13.02
C TYR A 50 7.09 6.40 11.80
N ASP A 51 8.30 5.97 11.45
CA ASP A 51 8.97 6.49 10.28
C ASP A 51 9.69 5.37 9.51
N ASP A 52 10.32 4.47 10.22
CA ASP A 52 10.95 3.31 9.59
C ASP A 52 9.90 2.21 9.29
N VAL A 53 10.22 1.32 8.35
CA VAL A 53 9.33 0.18 8.06
C VAL A 53 9.35 -0.87 9.18
N VAL A 54 8.22 -1.03 9.85
CA VAL A 54 8.06 -2.04 10.89
C VAL A 54 6.84 -2.88 10.51
N PRO A 55 7.08 -4.04 9.88
CA PRO A 55 6.00 -4.90 9.39
C PRO A 55 5.03 -5.30 10.49
N MSE A 56 3.73 -5.16 10.25
CA MSE A 56 2.74 -5.68 11.18
C MSE A 56 2.38 -7.08 10.72
O MSE A 56 2.50 -7.41 9.54
CB MSE A 56 1.50 -4.79 11.24
CG MSE A 56 0.60 -4.89 10.02
SE MSE A 56 -1.18 -4.08 10.30
CE MSE A 56 -2.04 -4.74 8.67
N ILE A 57 1.95 -7.94 11.65
CA ILE A 57 1.48 -9.27 11.26
C ILE A 57 0.16 -9.18 10.49
N ASP A 58 0.20 -9.54 9.22
CA ASP A 58 -0.98 -9.56 8.37
C ASP A 58 -1.07 -10.91 7.66
N LYS A 59 -2.03 -11.04 6.73
CA LYS A 59 -2.22 -12.26 5.95
C LYS A 59 -0.94 -12.75 5.27
N THR A 60 -0.14 -11.82 4.76
CA THR A 60 1.07 -12.15 4.02
C THR A 60 2.16 -12.70 4.94
N VAL A 61 2.33 -12.07 6.11
CA VAL A 61 3.29 -12.53 7.10
C VAL A 61 2.91 -13.92 7.63
N LEU A 62 1.63 -14.14 7.90
CA LEU A 62 1.18 -15.43 8.41
C LEU A 62 1.41 -16.52 7.37
N SER A 63 1.08 -16.22 6.11
CA SER A 63 1.30 -17.15 5.01
C SER A 63 2.78 -17.51 4.92
N ALA A 64 3.64 -16.49 5.02
CA ALA A 64 5.09 -16.68 4.93
C ALA A 64 5.61 -17.59 6.04
N TRP A 65 5.13 -17.37 7.25
CA TRP A 65 5.54 -18.17 8.41
C TRP A 65 5.08 -19.61 8.32
N GLU A 66 3.86 -19.83 7.82
CA GLU A 66 3.37 -21.18 7.56
C GLU A 66 4.27 -21.91 6.57
N LYS A 67 4.56 -21.24 5.45
CA LYS A 67 5.41 -21.80 4.39
C LYS A 67 6.84 -22.05 4.87
N GLN A 68 7.33 -21.18 5.75
CA GLN A 68 8.65 -21.36 6.33
C GLN A 68 8.69 -22.63 7.17
N GLY A 69 7.64 -22.85 7.95
CA GLY A 69 7.53 -24.02 8.80
C GLY A 69 7.18 -25.30 8.06
N ASN A 70 7.08 -25.20 6.73
CA ASN A 70 6.81 -26.36 5.89
C ASN A 70 7.97 -26.66 4.94
N GLY A 71 8.84 -25.67 4.76
CA GLY A 71 9.93 -25.78 3.80
C GLY A 71 9.46 -25.41 2.40
N GLN A 72 8.36 -24.65 2.35
CA GLN A 72 7.77 -24.25 1.09
C GLN A 72 8.37 -22.91 0.66
N GLU A 73 8.57 -22.75 -0.64
CA GLU A 73 9.16 -21.53 -1.19
C GLU A 73 8.24 -20.31 -1.04
N LEU A 74 8.81 -19.22 -0.54
CA LEU A 74 8.08 -17.97 -0.33
C LEU A 74 7.90 -17.18 -1.63
N THR A 75 6.76 -16.51 -1.78
CA THR A 75 6.58 -15.58 -2.90
C THR A 75 7.56 -14.41 -2.76
N ARG A 76 7.69 -13.60 -3.81
CA ARG A 76 8.60 -12.45 -3.77
C ARG A 76 8.18 -11.49 -2.65
N GLU A 77 6.87 -11.35 -2.46
CA GLU A 77 6.27 -10.46 -1.46
C GLU A 77 6.46 -10.98 -0.02
N GLU A 78 6.27 -12.29 0.17
CA GLU A 78 6.52 -12.94 1.46
C GLU A 78 8.00 -12.87 1.85
N GLN A 79 8.89 -13.02 0.87
CA GLN A 79 10.33 -12.86 1.10
C GLN A 79 10.68 -11.44 1.54
N LYS A 80 10.08 -10.44 0.91
CA LYS A 80 10.33 -9.05 1.26
C LYS A 80 9.99 -8.72 2.71
N VAL A 81 8.77 -9.06 3.14
CA VAL A 81 8.39 -8.75 4.51
C VAL A 81 9.24 -9.53 5.53
N THR A 82 9.40 -10.83 5.31
CA THR A 82 10.15 -11.66 6.26
C THR A 82 11.63 -11.24 6.40
N GLU A 83 12.24 -10.80 5.29
CA GLU A 83 13.63 -10.31 5.32
C GLU A 83 13.75 -9.00 6.08
N ARG A 84 12.72 -8.15 5.99
CA ARG A 84 12.68 -6.92 6.78
C ARG A 84 12.49 -7.25 8.26
N MSE A 85 11.58 -8.17 8.57
CA MSE A 85 11.37 -8.61 9.95
C MSE A 85 12.66 -9.22 10.52
O MSE A 85 12.95 -9.07 11.71
CB MSE A 85 10.24 -9.62 10.03
CG MSE A 85 8.90 -9.03 9.61
SE MSE A 85 7.40 -10.24 9.90
CE MSE A 85 7.18 -10.01 11.83
N SER A 86 13.40 -9.91 9.66
CA SER A 86 14.68 -10.49 10.06
C SER A 86 15.70 -9.43 10.44
N GLU A 87 15.78 -8.35 9.64
CA GLU A 87 16.69 -7.23 9.93
C GLU A 87 16.39 -6.59 11.29
N ILE A 88 15.10 -6.40 11.57
CA ILE A 88 14.66 -5.81 12.82
C ILE A 88 15.05 -6.71 14.01
N LEU A 89 14.85 -8.02 13.85
CA LEU A 89 15.15 -8.99 14.90
C LEU A 89 16.67 -9.09 15.15
N GLN A 90 17.46 -9.14 14.07
CA GLN A 90 18.91 -9.26 14.26
C GLN A 90 19.49 -7.99 14.89
N GLN A 91 18.92 -6.83 14.57
CA GLN A 91 19.33 -5.57 15.19
C GLN A 91 19.02 -5.59 16.70
N PHE A 92 17.83 -6.04 17.05
CA PHE A 92 17.45 -6.15 18.46
C PHE A 92 18.39 -7.07 19.23
N LYS A 93 18.67 -8.25 18.67
CA LYS A 93 19.54 -9.21 19.33
C LYS A 93 20.98 -8.71 19.49
N SER A 94 21.40 -7.81 18.62
CA SER A 94 22.81 -7.35 18.61
C SER A 94 23.10 -6.30 19.70
N ALA A 95 22.04 -5.76 20.32
CA ALA A 95 22.18 -4.73 21.34
C ALA A 95 22.22 -5.31 22.74
N ASN A 96 22.86 -4.59 23.66
CA ASN A 96 22.83 -4.98 25.09
C ASN A 96 22.26 -3.89 26.03
N THR A 97 21.93 -2.72 25.45
CA THR A 97 21.18 -1.68 26.17
C THR A 97 20.04 -1.21 25.27
N TYR A 98 18.85 -1.09 25.84
CA TYR A 98 17.68 -0.69 25.07
C TYR A 98 17.05 0.54 25.69
N VAL A 99 16.64 1.50 24.85
CA VAL A 99 15.82 2.63 25.31
C VAL A 99 14.53 2.69 24.51
N ILE A 100 13.39 2.63 25.20
CA ILE A 100 12.08 2.73 24.55
C ILE A 100 11.48 4.08 24.90
N VAL A 101 11.13 4.85 23.88
CA VAL A 101 10.55 6.16 24.10
C VAL A 101 9.11 6.10 23.65
N LEU A 102 8.18 6.49 24.53
CA LEU A 102 6.78 6.44 24.17
C LEU A 102 5.92 7.45 24.88
N PRO A 103 4.87 7.92 24.20
CA PRO A 103 3.73 8.58 24.83
C PRO A 103 2.71 7.54 25.28
N LEU A 104 2.00 7.82 26.36
CA LEU A 104 0.93 6.95 26.80
C LEU A 104 -0.42 7.46 26.24
N HIS A 105 -0.91 6.77 25.20
CA HIS A 105 -2.22 7.07 24.61
C HIS A 105 -3.11 5.89 24.95
N ASN A 106 -4.17 6.12 25.71
CA ASN A 106 -5.14 5.06 25.98
C ASN A 106 -4.60 3.83 26.72
N PHE A 107 -3.75 4.07 27.72
CA PHE A 107 -3.37 3.06 28.72
C PHE A 107 -2.70 1.77 28.23
N ASN A 108 -1.96 1.85 27.12
CA ASN A 108 -1.27 0.69 26.56
C ASN A 108 -0.18 1.17 25.63
N ILE A 109 0.68 0.26 25.17
CA ILE A 109 1.72 0.62 24.22
C ILE A 109 1.12 1.11 22.90
N PRO A 110 1.84 2.00 22.20
CA PRO A 110 1.41 2.44 20.87
C PRO A 110 1.29 1.25 19.92
N SER A 111 0.36 1.32 18.98
CA SER A 111 0.13 0.21 18.05
C SER A 111 1.39 -0.24 17.30
N LYS A 112 2.23 0.71 16.88
CA LYS A 112 3.48 0.34 16.20
C LYS A 112 4.50 -0.31 17.14
N LEU A 113 4.39 -0.05 18.45
CA LEU A 113 5.26 -0.75 19.40
C LEU A 113 4.84 -2.22 19.54
N LYS A 114 3.55 -2.49 19.50
CA LYS A 114 3.08 -3.88 19.40
C LYS A 114 3.62 -4.59 18.15
N ASP A 115 3.58 -3.91 17.00
CA ASP A 115 4.15 -4.48 15.77
C ASP A 115 5.63 -4.78 15.97
N TYR A 116 6.34 -3.87 16.63
CA TYR A 116 7.75 -4.11 16.94
C TYR A 116 7.94 -5.35 17.84
N MSE A 117 7.10 -5.49 18.87
CA MSE A 117 7.17 -6.66 19.73
C MSE A 117 6.99 -7.93 18.89
O MSE A 117 7.66 -8.94 19.11
CB MSE A 117 6.10 -6.60 20.83
CG MSE A 117 6.21 -5.40 21.76
SE MSE A 117 7.95 -5.28 22.63
CE MSE A 117 7.85 -6.96 23.64
N ASP A 118 6.06 -7.86 17.92
CA ASP A 118 5.75 -8.99 17.03
C ASP A 118 6.94 -9.36 16.13
N ASN A 119 7.85 -8.41 15.93
CA ASN A 119 9.07 -8.65 15.14
C ASN A 119 10.19 -9.23 16.00
N ILE A 120 10.22 -8.89 17.28
CA ILE A 120 11.36 -9.27 18.13
C ILE A 120 11.10 -10.47 19.07
N MSE A 121 9.83 -10.81 19.28
CA MSE A 121 9.51 -12.01 20.06
C MSE A 121 9.32 -13.20 19.13
O MSE A 121 8.22 -13.46 18.67
CB MSE A 121 8.28 -11.79 20.94
CG MSE A 121 8.55 -10.88 22.12
SE MSE A 121 6.95 -10.69 23.24
CE MSE A 121 6.74 -12.56 23.77
N ILE A 122 10.40 -13.91 18.86
CA ILE A 122 10.40 -14.96 17.85
C ILE A 122 10.94 -16.24 18.46
N ALA A 123 10.18 -17.32 18.38
CA ALA A 123 10.57 -18.60 18.95
C ALA A 123 11.90 -19.10 18.36
N ARG A 124 12.77 -19.65 19.20
CA ARG A 124 14.11 -20.10 18.80
C ARG A 124 15.09 -18.94 18.60
N GLU A 125 14.60 -17.71 18.68
CA GLU A 125 15.48 -16.55 18.50
C GLU A 125 15.67 -15.74 19.80
N THR A 126 14.58 -15.23 20.35
CA THR A 126 14.65 -14.49 21.62
C THR A 126 13.96 -15.23 22.76
N PHE A 127 13.21 -16.28 22.43
CA PHE A 127 12.68 -17.19 23.44
C PHE A 127 12.50 -18.56 22.82
N LYS A 128 12.22 -19.56 23.66
CA LYS A 128 11.94 -20.90 23.17
C LYS A 128 10.88 -21.60 24.00
N TYR A 129 10.15 -22.52 23.37
CA TYR A 129 9.17 -23.32 24.07
C TYR A 129 9.86 -24.51 24.71
N THR A 130 9.36 -24.93 25.87
CA THR A 130 9.83 -26.16 26.49
C THR A 130 8.66 -27.13 26.62
N GLU A 131 8.85 -28.22 27.36
CA GLU A 131 7.71 -29.07 27.71
C GLU A 131 7.09 -28.54 28.99
N THR A 132 7.79 -27.60 29.61
CA THR A 132 7.32 -26.90 30.81
C THR A 132 6.46 -25.70 30.43
N GLY A 133 6.91 -24.94 29.43
CA GLY A 133 6.22 -23.75 28.97
C GLY A 133 7.11 -22.94 28.03
N SER A 134 7.51 -21.76 28.49
CA SER A 134 8.38 -20.87 27.71
C SER A 134 9.53 -20.31 28.53
N VAL A 135 10.67 -20.05 27.89
CA VAL A 135 11.79 -19.39 28.53
C VAL A 135 12.52 -18.45 27.57
N GLY A 136 13.00 -17.32 28.10
CA GLY A 136 13.71 -16.36 27.29
C GLY A 136 15.08 -16.90 26.91
N LEU A 137 15.63 -16.40 25.81
CA LEU A 137 16.96 -16.80 25.39
C LEU A 137 17.96 -15.64 25.51
N LEU A 138 17.51 -14.52 26.06
CA LEU A 138 18.37 -13.33 26.18
C LEU A 138 18.75 -13.03 27.61
N LYS A 139 19.06 -14.07 28.39
CA LYS A 139 19.43 -13.89 29.79
C LYS A 139 20.94 -13.70 29.92
N ASP A 140 21.41 -12.52 29.52
CA ASP A 140 22.85 -12.23 29.47
C ASP A 140 23.20 -10.79 29.86
N GLY A 141 22.52 -10.26 30.89
CA GLY A 141 22.86 -8.97 31.46
C GLY A 141 22.55 -7.75 30.62
N ARG A 142 21.50 -7.84 29.78
CA ARG A 142 21.06 -6.68 29.00
C ARG A 142 20.30 -5.70 29.89
N ARG A 143 20.21 -4.45 29.44
CA ARG A 143 19.57 -3.39 30.22
C ARG A 143 18.52 -2.67 29.39
N MSE A 144 17.42 -2.32 30.04
CA MSE A 144 16.36 -1.57 29.38
CA MSE A 144 16.33 -1.60 29.38
C MSE A 144 15.91 -0.34 30.16
O MSE A 144 15.70 -0.40 31.38
CB MSE A 144 15.16 -2.47 29.13
CB MSE A 144 15.13 -2.52 29.17
CG MSE A 144 13.90 -1.68 28.89
CG MSE A 144 13.80 -1.80 28.90
SE MSE A 144 12.59 -2.76 28.00
SE MSE A 144 13.63 -1.01 27.12
CE MSE A 144 13.62 -3.31 26.42
CE MSE A 144 13.59 -2.64 26.02
N LEU A 145 15.78 0.78 29.45
CA LEU A 145 15.27 2.02 30.02
C LEU A 145 14.02 2.43 29.24
N VAL A 146 12.91 2.65 29.94
CA VAL A 146 11.70 3.16 29.31
C VAL A 146 11.47 4.63 29.69
N ILE A 147 11.29 5.48 28.68
CA ILE A 147 10.93 6.87 28.92
C ILE A 147 9.49 7.09 28.46
N GLN A 148 8.59 7.29 29.42
CA GLN A 148 7.15 7.37 29.11
C GLN A 148 6.48 8.68 29.54
N ALA A 149 5.95 9.43 28.58
CA ALA A 149 5.20 10.64 28.92
C ALA A 149 3.70 10.32 29.06
N SER A 150 3.04 10.92 30.04
CA SER A 150 1.62 10.67 30.24
C SER A 150 0.94 11.87 30.85
N GLY A 151 -0.33 12.07 30.53
CA GLY A 151 -1.09 13.17 31.11
C GLY A 151 -1.38 12.95 32.59
N GLY A 152 -1.64 11.70 32.95
CA GLY A 152 -1.98 11.34 34.32
C GLY A 152 -0.75 10.96 35.13
N ILE A 153 -0.96 10.83 36.43
CA ILE A 153 0.12 10.43 37.35
C ILE A 153 -0.13 8.99 37.77
N TYR A 154 0.91 8.16 37.68
CA TYR A 154 0.75 6.71 37.82
C TYR A 154 1.36 6.12 39.10
N THR A 155 1.94 6.98 39.92
CA THR A 155 2.70 6.54 41.08
C THR A 155 1.96 6.80 42.40
N ASN A 156 0.63 6.88 42.32
CA ASN A 156 -0.20 7.11 43.49
C ASN A 156 -0.94 5.86 43.99
N ASP A 157 -0.63 4.71 43.38
CA ASP A 157 -1.28 3.46 43.71
C ASP A 157 -2.80 3.60 43.77
N ASP A 158 -3.36 4.03 42.65
CA ASP A 158 -4.79 4.18 42.49
C ASP A 158 -5.17 3.59 41.12
N TRP A 159 -6.33 3.97 40.60
CA TRP A 159 -6.81 3.42 39.33
C TRP A 159 -5.75 3.53 38.22
N TYR A 160 -5.08 4.67 38.14
CA TYR A 160 -4.05 4.88 37.12
C TYR A 160 -2.94 3.83 37.19
N THR A 161 -2.51 3.49 38.41
CA THR A 161 -1.50 2.46 38.57
C THR A 161 -2.00 1.11 38.04
N ASP A 162 -3.28 0.83 38.31
CA ASP A 162 -3.92 -0.42 37.91
C ASP A 162 -4.10 -0.58 36.39
N VAL A 163 -4.16 0.53 35.66
CA VAL A 163 -4.34 0.47 34.20
C VAL A 163 -3.11 0.90 33.38
N GLU A 164 -1.95 0.91 34.03
CA GLU A 164 -0.74 1.29 33.32
C GLU A 164 -0.19 0.11 32.53
N TYR A 165 -0.95 -0.36 31.55
CA TYR A 165 -0.61 -1.59 30.84
C TYR A 165 0.58 -1.49 29.91
N SER A 166 0.94 -0.27 29.55
CA SER A 166 2.18 0.00 28.80
C SER A 166 3.42 -0.51 29.58
N HIS A 167 3.59 -0.02 30.80
CA HIS A 167 4.68 -0.43 31.70
C HIS A 167 4.56 -1.89 32.12
N LYS A 168 3.37 -2.28 32.53
CA LYS A 168 3.14 -3.66 32.96
C LYS A 168 3.52 -4.64 31.85
N TYR A 169 3.04 -4.37 30.63
CA TYR A 169 3.34 -5.25 29.51
C TYR A 169 4.84 -5.26 29.19
N LEU A 170 5.42 -4.07 28.99
CA LEU A 170 6.83 -3.96 28.62
C LEU A 170 7.74 -4.61 29.67
N LYS A 171 7.50 -4.31 30.95
CA LYS A 171 8.30 -4.94 32.00
C LYS A 171 8.19 -6.48 31.95
N ALA A 172 6.95 -6.97 31.87
CA ALA A 172 6.66 -8.40 31.80
C ALA A 172 7.36 -9.09 30.63
N MSE A 173 7.27 -8.47 29.45
CA MSE A 173 7.81 -9.08 28.23
C MSE A 173 9.33 -9.13 28.26
O MSE A 173 9.93 -10.14 27.91
CB MSE A 173 7.33 -8.33 27.00
CG MSE A 173 5.83 -8.49 26.73
SE MSE A 173 5.22 -10.34 26.58
CE MSE A 173 4.68 -10.71 28.43
N PHE A 174 9.95 -8.02 28.66
CA PHE A 174 11.41 -8.00 28.64
C PHE A 174 12.02 -8.85 29.75
N ASN A 175 11.35 -8.89 30.90
CA ASN A 175 11.74 -9.83 31.96
C ASN A 175 11.71 -11.27 31.44
N PHE A 176 10.61 -11.63 30.79
CA PHE A 176 10.44 -12.96 30.19
C PHE A 176 11.59 -13.30 29.23
N LEU A 177 11.94 -12.35 28.37
CA LEU A 177 13.01 -12.54 27.40
C LEU A 177 14.38 -12.71 28.06
N GLY A 178 14.51 -12.19 29.28
CA GLY A 178 15.74 -12.32 30.05
C GLY A 178 16.31 -10.97 30.48
N ILE A 179 15.66 -9.90 30.05
CA ILE A 179 16.12 -8.54 30.39
C ILE A 179 15.49 -8.10 31.72
N GLU A 180 16.22 -8.33 32.80
CA GLU A 180 15.71 -8.10 34.14
C GLU A 180 16.13 -6.75 34.71
N ASP A 181 17.14 -6.16 34.08
CA ASP A 181 17.61 -4.82 34.45
C ASP A 181 16.73 -3.79 33.74
N TYR A 182 15.69 -3.34 34.43
CA TYR A 182 14.66 -2.52 33.81
C TYR A 182 14.40 -1.29 34.67
N GLN A 183 14.36 -0.13 34.02
CA GLN A 183 13.97 1.11 34.68
C GLN A 183 12.96 1.88 33.82
N ILE A 184 11.91 2.38 34.46
CA ILE A 184 11.01 3.31 33.78
C ILE A 184 11.10 4.71 34.40
N VAL A 185 11.26 5.70 33.52
CA VAL A 185 11.18 7.10 33.92
C VAL A 185 9.85 7.62 33.42
N ARG A 186 9.00 8.03 34.36
CA ARG A 186 7.69 8.58 34.03
C ARG A 186 7.71 10.10 34.02
N ALA A 187 7.72 10.67 32.81
CA ALA A 187 7.48 12.10 32.65
C ALA A 187 5.95 12.27 32.70
N GLN A 188 5.42 12.18 33.92
CA GLN A 188 3.98 12.03 34.14
C GLN A 188 3.32 13.29 34.65
N GLY A 189 1.99 13.30 34.61
CA GLY A 189 1.20 14.44 35.04
C GLY A 189 1.27 15.65 34.13
N THR A 190 1.48 15.43 32.82
CA THR A 190 1.55 16.54 31.87
C THR A 190 0.22 17.28 31.79
N ALA A 191 -0.85 16.61 32.20
CA ALA A 191 -2.18 17.23 32.18
C ALA A 191 -2.46 18.03 33.45
N VAL A 192 -1.62 17.86 34.48
CA VAL A 192 -1.95 18.48 35.78
C VAL A 192 -0.81 19.21 36.51
N LEU A 193 0.44 18.90 36.18
CA LEU A 193 1.56 19.53 36.86
C LEU A 193 2.14 20.66 36.02
N ASP A 194 2.98 21.49 36.63
CA ASP A 194 3.69 22.53 35.90
C ASP A 194 4.65 21.88 34.90
N PRO A 195 4.52 22.20 33.61
CA PRO A 195 5.34 21.58 32.56
C PRO A 195 6.86 21.71 32.78
N THR A 196 7.29 22.77 33.45
CA THR A 196 8.70 22.90 33.78
C THR A 196 9.09 21.91 34.87
N GLU A 197 8.20 21.69 35.84
CA GLU A 197 8.44 20.73 36.91
C GLU A 197 8.54 19.33 36.33
N VAL A 198 7.58 18.97 35.48
CA VAL A 198 7.61 17.69 34.78
C VAL A 198 8.97 17.49 34.09
N LEU A 199 9.34 18.42 33.21
CA LEU A 199 10.59 18.31 32.47
C LEU A 199 11.82 18.22 33.37
N GLN A 200 11.91 19.10 34.35
CA GLN A 200 13.06 19.12 35.24
C GLN A 200 13.21 17.82 36.04
N ASN A 201 12.09 17.29 36.54
CA ASN A 201 12.15 16.03 37.28
C ASN A 201 12.59 14.87 36.40
N ALA A 202 11.99 14.77 35.20
CA ALA A 202 12.37 13.76 34.21
C ALA A 202 13.84 13.86 33.80
N TYR A 203 14.30 15.10 33.56
CA TYR A 203 15.70 15.36 33.21
C TYR A 203 16.66 14.79 34.24
N LYS A 204 16.40 15.08 35.52
CA LYS A 204 17.25 14.57 36.59
C LYS A 204 17.27 13.05 36.55
N GLU A 205 16.10 12.44 36.40
CA GLU A 205 16.03 10.99 36.36
C GLU A 205 16.82 10.35 35.20
N VAL A 206 16.73 10.91 33.99
CA VAL A 206 17.43 10.33 32.86
C VAL A 206 18.94 10.57 32.90
N GLU A 207 19.35 11.66 33.55
CA GLU A 207 20.79 11.92 33.73
C GLU A 207 21.38 10.84 34.62
N GLU A 208 20.63 10.48 35.67
CA GLU A 208 21.05 9.45 36.60
C GLU A 208 21.04 8.08 35.92
N ALA A 209 20.04 7.86 35.08
CA ALA A 209 19.98 6.65 34.24
C ALA A 209 21.18 6.58 33.29
N ALA A 210 21.53 7.70 32.66
CA ALA A 210 22.64 7.74 31.73
C ALA A 210 23.92 7.36 32.46
N SER A 211 24.07 7.88 33.69
CA SER A 211 25.21 7.58 34.55
C SER A 211 25.28 6.09 34.90
N ARG A 212 24.17 5.53 35.32
CA ARG A 212 24.11 4.12 35.67
C ARG A 212 24.48 3.22 34.47
N LEU A 213 23.87 3.50 33.32
CA LEU A 213 24.08 2.70 32.11
C LEU A 213 25.50 2.80 31.54
N ALA A 214 26.09 3.99 31.58
CA ALA A 214 27.46 4.18 31.11
C ALA A 214 28.47 3.76 32.17
N ASN A 215 27.96 3.48 33.37
CA ASN A 215 28.79 3.24 34.55
C ASN A 215 29.86 4.32 34.72
N LYS A 216 29.41 5.57 34.66
CA LYS A 216 30.24 6.74 34.94
C LYS A 216 29.38 7.78 35.65
N TYR A 217 29.57 7.87 36.97
CA TYR A 217 28.84 8.81 37.82
C TYR A 217 29.70 10.06 38.08
N ILE A 218 29.14 11.23 37.75
CA ILE A 218 29.86 12.49 37.93
C ILE A 218 29.06 13.37 38.87
N PHE A 219 29.53 13.50 40.11
CA PHE A 219 28.82 14.26 41.15
C PHE A 219 29.39 15.67 41.36
N SER A 220 28.49 16.63 41.55
CA SER A 220 28.88 18.03 41.74
C SER A 220 28.11 18.70 42.87
N SER B 1 -37.79 6.05 -28.07
CA SER B 1 -37.89 4.66 -28.52
C SER B 1 -37.34 4.51 -29.94
N ASN B 2 -37.20 5.63 -30.64
CA ASN B 2 -36.64 5.62 -31.98
C ASN B 2 -35.13 5.83 -32.00
N ALA B 3 -34.61 6.34 -30.89
CA ALA B 3 -33.17 6.60 -30.75
C ALA B 3 -32.39 5.36 -31.14
N MSE B 4 -31.23 5.57 -31.75
CA MSE B 4 -30.30 4.48 -32.01
C MSE B 4 -28.92 4.84 -31.51
O MSE B 4 -28.30 5.79 -32.02
CB MSE B 4 -30.21 4.14 -33.49
CG MSE B 4 -29.04 3.19 -33.77
SE MSE B 4 -29.46 1.88 -35.12
CE MSE B 4 -28.84 2.93 -36.63
N ASN B 5 -28.42 4.08 -30.55
CA ASN B 5 -27.08 4.28 -30.00
C ASN B 5 -26.05 3.37 -30.65
N LYS B 6 -24.79 3.68 -30.41
CA LYS B 6 -23.68 2.95 -31.01
C LYS B 6 -22.82 2.30 -29.93
N THR B 7 -22.41 1.07 -30.20
CA THR B 7 -21.42 0.39 -29.38
C THR B 7 -20.12 0.31 -30.16
N LEU B 8 -19.06 0.89 -29.58
CA LEU B 8 -17.77 0.92 -30.25
C LEU B 8 -16.80 -0.08 -29.62
N ILE B 9 -16.32 -1.01 -30.44
CA ILE B 9 -15.28 -1.96 -30.03
C ILE B 9 -13.91 -1.35 -30.27
N ILE B 10 -13.09 -1.28 -29.22
CA ILE B 10 -11.72 -0.79 -29.32
C ILE B 10 -10.78 -1.97 -29.16
N ASN B 11 -10.36 -2.54 -30.28
CA ASN B 11 -9.57 -3.75 -30.27
C ASN B 11 -8.07 -3.43 -30.21
N ALA B 12 -7.49 -3.65 -29.02
CA ALA B 12 -6.09 -3.29 -28.80
C ALA B 12 -5.14 -4.47 -28.93
N HIS B 13 -5.56 -5.52 -29.62
CA HIS B 13 -4.70 -6.69 -29.76
C HIS B 13 -3.89 -6.66 -31.05
N PRO B 14 -2.55 -6.84 -30.93
CA PRO B 14 -1.67 -6.92 -32.10
C PRO B 14 -2.15 -7.91 -33.17
N LYS B 15 -2.76 -9.02 -32.75
CA LYS B 15 -3.18 -10.08 -33.67
C LYS B 15 -4.53 -9.78 -34.36
N VAL B 16 -5.19 -8.73 -33.89
CA VAL B 16 -6.41 -8.19 -34.49
C VAL B 16 -7.63 -9.11 -34.38
N ASP B 17 -7.69 -10.19 -35.18
CA ASP B 17 -8.87 -11.07 -35.15
C ASP B 17 -8.53 -12.57 -35.10
N ASP B 18 -7.27 -12.86 -34.85
CA ASP B 18 -6.78 -14.22 -34.71
C ASP B 18 -7.29 -14.84 -33.41
N THR B 19 -8.19 -15.82 -33.51
CA THR B 19 -8.79 -16.43 -32.32
C THR B 19 -7.92 -17.48 -31.61
N SER B 20 -6.64 -17.55 -31.95
CA SER B 20 -5.74 -18.35 -31.14
C SER B 20 -5.43 -17.59 -29.85
N SER B 21 -5.59 -16.27 -29.90
CA SER B 21 -5.39 -15.42 -28.74
C SER B 21 -6.60 -15.47 -27.81
N VAL B 22 -6.34 -15.58 -26.51
CA VAL B 22 -7.39 -15.71 -25.50
C VAL B 22 -8.38 -14.54 -25.45
N SER B 23 -7.86 -13.31 -25.38
CA SER B 23 -8.73 -12.13 -25.31
C SER B 23 -9.62 -12.01 -26.55
N ILE B 24 -9.06 -12.34 -27.72
CA ILE B 24 -9.84 -12.28 -28.96
C ILE B 24 -10.96 -13.32 -29.00
N LYS B 25 -10.65 -14.58 -28.68
CA LYS B 25 -11.70 -15.61 -28.51
C LYS B 25 -12.84 -15.15 -27.58
N VAL B 26 -12.48 -14.62 -26.41
CA VAL B 26 -13.47 -14.15 -25.45
C VAL B 26 -14.30 -12.98 -25.97
N PHE B 27 -13.64 -12.04 -26.65
CA PHE B 27 -14.32 -10.95 -27.32
C PHE B 27 -15.30 -11.46 -28.38
N LYS B 28 -14.86 -12.39 -29.23
CA LYS B 28 -15.73 -12.93 -30.27
C LYS B 28 -16.97 -13.55 -29.64
N HIS B 29 -16.78 -14.22 -28.49
CA HIS B 29 -17.89 -14.81 -27.77
C HIS B 29 -18.84 -13.75 -27.22
N PHE B 30 -18.28 -12.68 -26.64
CA PHE B 30 -19.09 -11.51 -26.24
C PHE B 30 -19.90 -10.94 -27.42
N LEU B 31 -19.23 -10.68 -28.55
CA LEU B 31 -19.88 -10.04 -29.70
C LEU B 31 -21.03 -10.86 -30.30
N GLU B 32 -20.85 -12.18 -30.39
CA GLU B 32 -21.88 -13.06 -30.90
C GLU B 32 -23.12 -13.05 -29.98
N SER B 33 -22.89 -13.04 -28.66
CA SER B 33 -23.99 -12.94 -27.68
C SER B 33 -24.66 -11.57 -27.73
N TYR B 34 -23.84 -10.53 -27.73
CA TYR B 34 -24.30 -9.15 -27.78
C TYR B 34 -25.19 -8.86 -29.00
N LYS B 35 -24.72 -9.26 -30.18
CA LYS B 35 -25.49 -9.09 -31.41
C LYS B 35 -26.85 -9.78 -31.36
N GLU B 36 -26.91 -10.90 -30.64
CA GLU B 36 -28.15 -11.65 -30.50
C GLU B 36 -29.15 -10.88 -29.65
N LEU B 37 -28.64 -10.24 -28.60
CA LEU B 37 -29.49 -9.66 -27.57
C LEU B 37 -29.97 -8.25 -27.91
N ILE B 38 -29.09 -7.45 -28.52
CA ILE B 38 -29.42 -6.04 -28.76
C ILE B 38 -30.58 -5.81 -29.70
N SER B 39 -31.39 -4.79 -29.39
CA SER B 39 -32.51 -4.40 -30.24
C SER B 39 -32.02 -3.91 -31.60
N ASN B 40 -32.96 -3.60 -32.50
CA ASN B 40 -32.61 -3.05 -33.79
C ASN B 40 -32.26 -1.57 -33.67
N ASN B 41 -32.29 -1.08 -32.43
CA ASN B 41 -31.89 0.28 -32.11
C ASN B 41 -30.48 0.35 -31.48
N GLU B 42 -29.62 -0.57 -31.89
CA GLU B 42 -28.22 -0.48 -31.52
C GLU B 42 -27.36 -0.78 -32.74
N THR B 43 -26.30 -0.01 -32.93
CA THR B 43 -25.34 -0.24 -34.01
C THR B 43 -23.98 -0.51 -33.38
N ILE B 44 -23.13 -1.24 -34.08
CA ILE B 44 -21.82 -1.58 -33.55
C ILE B 44 -20.76 -1.15 -34.55
N GLU B 45 -19.73 -0.47 -34.06
CA GLU B 45 -18.55 -0.15 -34.87
C GLU B 45 -17.31 -0.74 -34.22
N GLN B 46 -16.29 -1.01 -35.00
CA GLN B 46 -15.05 -1.53 -34.44
C GLN B 46 -13.84 -0.82 -35.03
N ILE B 47 -12.92 -0.45 -34.14
CA ILE B 47 -11.62 0.08 -34.55
C ILE B 47 -10.51 -0.86 -34.06
N ASN B 48 -9.69 -1.31 -34.98
CA ASN B 48 -8.58 -2.17 -34.65
C ASN B 48 -7.31 -1.36 -34.55
N LEU B 49 -6.80 -1.19 -33.33
CA LEU B 49 -5.67 -0.29 -33.10
C LEU B 49 -4.39 -0.75 -33.79
N TYR B 50 -4.34 -2.04 -34.15
CA TYR B 50 -3.15 -2.60 -34.81
C TYR B 50 -3.33 -2.89 -36.30
N ASP B 51 -4.42 -2.40 -36.87
CA ASP B 51 -4.67 -2.55 -38.30
C ASP B 51 -5.08 -1.23 -38.97
N ASP B 52 -5.99 -0.51 -38.30
CA ASP B 52 -6.41 0.81 -38.75
C ASP B 52 -5.33 1.85 -38.39
N VAL B 53 -5.36 3.00 -39.08
CA VAL B 53 -4.44 4.10 -38.76
C VAL B 53 -4.87 4.81 -37.46
N VAL B 54 -4.02 4.72 -36.44
CA VAL B 54 -4.24 5.42 -35.18
C VAL B 54 -3.03 6.34 -34.95
N PRO B 55 -3.16 7.63 -35.29
CA PRO B 55 -2.00 8.52 -35.27
C PRO B 55 -1.37 8.65 -33.89
N MSE B 56 -0.06 8.65 -33.92
CA MSE B 56 0.77 8.76 -32.73
C MSE B 56 1.14 10.23 -32.54
O MSE B 56 1.34 10.97 -33.51
CB MSE B 56 2.03 7.92 -32.98
CG MSE B 56 3.11 8.10 -31.99
SE MSE B 56 4.64 7.09 -32.64
CE MSE B 56 4.65 7.74 -34.47
N ILE B 57 1.24 10.68 -31.30
CA ILE B 57 1.79 12.01 -31.04
C ILE B 57 3.27 12.00 -31.43
N ASP B 58 3.59 12.79 -32.46
CA ASP B 58 4.96 12.99 -32.90
C ASP B 58 5.18 14.48 -33.21
N LYS B 59 6.32 14.79 -33.83
CA LYS B 59 6.65 16.17 -34.18
C LYS B 59 5.56 16.86 -35.01
N THR B 60 4.98 16.14 -35.96
CA THR B 60 3.94 16.68 -36.84
C THR B 60 2.65 16.98 -36.10
N VAL B 61 2.26 16.09 -35.19
CA VAL B 61 1.02 16.28 -34.44
C VAL B 61 1.17 17.45 -33.46
N LEU B 62 2.30 17.51 -32.77
CA LEU B 62 2.57 18.61 -31.85
C LEU B 62 2.61 19.99 -32.56
N SER B 63 3.16 20.01 -33.77
CA SER B 63 3.22 21.24 -34.58
C SER B 63 1.84 21.66 -35.08
N ALA B 64 1.06 20.69 -35.53
CA ALA B 64 -0.33 20.94 -35.93
C ALA B 64 -1.16 21.55 -34.80
N TRP B 65 -1.09 20.93 -33.63
CA TRP B 65 -1.83 21.38 -32.45
C TRP B 65 -1.42 22.79 -32.02
N GLU B 66 -0.14 23.08 -32.14
CA GLU B 66 0.35 24.43 -31.84
C GLU B 66 -0.29 25.44 -32.78
N LYS B 67 -0.20 25.16 -34.08
CA LYS B 67 -0.81 26.03 -35.08
C LYS B 67 -2.30 26.19 -34.83
N GLN B 68 -3.00 25.08 -34.57
CA GLN B 68 -4.43 25.12 -34.30
C GLN B 68 -4.73 26.05 -33.13
N GLY B 69 -3.88 26.02 -32.11
CA GLY B 69 -4.06 26.85 -30.94
C GLY B 69 -3.84 28.32 -31.24
N ASN B 70 -3.09 28.58 -32.31
CA ASN B 70 -2.78 29.95 -32.74
C ASN B 70 -3.70 30.43 -33.86
N GLY B 71 -4.43 29.52 -34.47
CA GLY B 71 -5.25 29.84 -35.63
C GLY B 71 -4.41 29.93 -36.89
N GLN B 72 -3.40 29.07 -36.98
CA GLN B 72 -2.43 29.12 -38.08
C GLN B 72 -2.76 28.15 -39.20
N GLU B 73 -1.94 28.21 -40.25
CA GLU B 73 -2.10 27.37 -41.44
C GLU B 73 -1.35 26.05 -41.34
N LEU B 74 -2.09 24.95 -41.33
CA LEU B 74 -1.48 23.62 -41.26
C LEU B 74 -0.93 23.23 -42.62
N THR B 75 0.23 22.56 -42.62
CA THR B 75 0.76 21.96 -43.84
C THR B 75 -0.14 20.77 -44.25
N ARG B 76 0.08 20.26 -45.46
CA ARG B 76 -0.65 19.09 -45.97
C ARG B 76 -0.54 17.89 -45.04
N GLU B 77 0.65 17.62 -44.54
CA GLU B 77 0.87 16.52 -43.59
C GLU B 77 0.14 16.74 -42.27
N GLU B 78 0.19 17.98 -41.77
CA GLU B 78 -0.51 18.34 -40.55
C GLU B 78 -2.03 18.23 -40.69
N GLN B 79 -2.55 18.63 -41.85
CA GLN B 79 -3.99 18.52 -42.11
C GLN B 79 -4.42 17.06 -42.14
N LYS B 80 -3.61 16.22 -42.78
CA LYS B 80 -3.91 14.82 -42.94
C LYS B 80 -4.01 14.10 -41.58
N VAL B 81 -2.98 14.24 -40.76
CA VAL B 81 -2.97 13.56 -39.47
CA VAL B 81 -2.97 13.57 -39.44
C VAL B 81 -4.07 14.07 -38.52
N THR B 82 -4.29 15.39 -38.50
CA THR B 82 -5.33 15.95 -37.64
C THR B 82 -6.73 15.58 -38.11
N GLU B 83 -6.91 15.45 -39.41
CA GLU B 83 -8.20 15.00 -39.95
C GLU B 83 -8.52 13.57 -39.55
N ARG B 84 -7.51 12.69 -39.60
CA ARG B 84 -7.69 11.33 -39.10
C ARG B 84 -8.01 11.34 -37.60
N MSE B 85 -7.27 12.13 -36.82
CA MSE B 85 -7.48 12.20 -35.37
C MSE B 85 -8.88 12.71 -35.07
O MSE B 85 -9.50 12.31 -34.07
CB MSE B 85 -6.44 13.07 -34.70
CG MSE B 85 -5.01 12.53 -34.81
SE MSE B 85 -3.71 13.67 -33.91
CE MSE B 85 -4.09 13.07 -32.09
N SER B 86 -9.38 13.61 -35.91
CA SER B 86 -10.72 14.14 -35.72
C SER B 86 -11.80 13.08 -35.97
N GLU B 87 -11.58 12.21 -36.96
CA GLU B 87 -12.47 11.07 -37.22
C GLU B 87 -12.57 10.13 -36.00
N ILE B 88 -11.41 9.77 -35.48
CA ILE B 88 -11.33 8.87 -34.34
C ILE B 88 -12.04 9.48 -33.16
N LEU B 89 -11.79 10.77 -32.92
CA LEU B 89 -12.41 11.50 -31.83
C LEU B 89 -13.93 11.50 -31.97
N GLN B 90 -14.42 11.83 -33.16
CA GLN B 90 -15.86 11.88 -33.38
C GLN B 90 -16.49 10.51 -33.16
N GLN B 91 -15.84 9.47 -33.67
CA GLN B 91 -16.33 8.10 -33.51
C GLN B 91 -16.47 7.77 -32.03
N PHE B 92 -15.44 8.09 -31.25
CA PHE B 92 -15.47 7.85 -29.81
C PHE B 92 -16.67 8.56 -29.14
N LYS B 93 -16.81 9.84 -29.42
CA LYS B 93 -17.85 10.62 -28.77
C LYS B 93 -19.25 10.17 -29.16
N SER B 94 -19.38 9.56 -30.34
CA SER B 94 -20.69 9.16 -30.88
C SER B 94 -21.28 7.93 -30.16
N ALA B 95 -20.41 7.17 -29.48
CA ALA B 95 -20.78 5.92 -28.82
C ALA B 95 -21.27 6.12 -27.39
N ASN B 96 -22.17 5.24 -26.96
CA ASN B 96 -22.69 5.22 -25.60
C ASN B 96 -22.20 3.98 -24.83
N THR B 97 -21.63 3.03 -25.56
CA THR B 97 -21.09 1.80 -24.97
C THR B 97 -19.74 1.51 -25.61
N TYR B 98 -18.75 1.18 -24.79
CA TYR B 98 -17.42 0.90 -25.30
C TYR B 98 -16.96 -0.47 -24.86
N VAL B 99 -16.25 -1.17 -25.74
CA VAL B 99 -15.64 -2.45 -25.37
C VAL B 99 -14.17 -2.39 -25.77
N ILE B 100 -13.30 -2.46 -24.77
CA ILE B 100 -11.84 -2.50 -25.01
C ILE B 100 -11.33 -3.93 -24.87
N VAL B 101 -10.69 -4.42 -25.92
CA VAL B 101 -10.08 -5.76 -25.91
C VAL B 101 -8.57 -5.62 -25.86
N LEU B 102 -7.93 -6.21 -24.85
CA LEU B 102 -6.47 -6.16 -24.76
C LEU B 102 -5.81 -7.39 -24.16
N PRO B 103 -4.60 -7.69 -24.64
CA PRO B 103 -3.71 -8.60 -23.93
C PRO B 103 -2.91 -7.77 -22.92
N LEU B 104 -2.66 -8.32 -21.74
CA LEU B 104 -1.80 -7.62 -20.80
C LEU B 104 -0.34 -8.03 -21.06
N HIS B 105 0.44 -7.08 -21.60
CA HIS B 105 1.85 -7.30 -21.89
C HIS B 105 2.63 -6.29 -21.06
N ASN B 106 3.42 -6.80 -20.11
CA ASN B 106 4.30 -5.95 -19.29
C ASN B 106 3.53 -4.89 -18.48
N PHE B 107 2.40 -5.29 -17.92
CA PHE B 107 1.75 -4.57 -16.83
C PHE B 107 1.25 -3.15 -17.15
N ASN B 108 0.88 -2.91 -18.41
CA ASN B 108 0.33 -1.62 -18.83
C ASN B 108 -0.49 -1.81 -20.10
N ILE B 109 -1.13 -0.74 -20.58
CA ILE B 109 -1.90 -0.79 -21.83
C ILE B 109 -0.96 -0.94 -23.03
N PRO B 110 -1.43 -1.57 -24.12
CA PRO B 110 -0.60 -1.69 -25.33
C PRO B 110 -0.22 -0.31 -25.86
N SER B 111 0.97 -0.21 -26.46
CA SER B 111 1.44 1.06 -27.00
C SER B 111 0.39 1.74 -27.89
N LYS B 112 -0.26 0.98 -28.78
CA LYS B 112 -1.28 1.55 -29.64
C LYS B 112 -2.55 1.99 -28.89
N LEU B 113 -2.81 1.41 -27.71
CA LEU B 113 -3.92 1.88 -26.88
C LEU B 113 -3.58 3.23 -26.22
N LYS B 114 -2.32 3.45 -25.88
CA LYS B 114 -1.89 4.79 -25.46
C LYS B 114 -2.12 5.80 -26.59
N ASP B 115 -1.71 5.46 -27.81
CA ASP B 115 -1.96 6.34 -28.96
C ASP B 115 -3.45 6.66 -29.07
N TYR B 116 -4.28 5.65 -28.89
CA TYR B 116 -5.72 5.84 -28.98
C TYR B 116 -6.21 6.84 -27.93
N MSE B 117 -5.73 6.69 -26.70
CA MSE B 117 -6.07 7.60 -25.62
C MSE B 117 -5.67 9.02 -26.02
O MSE B 117 -6.40 9.97 -25.75
CB MSE B 117 -5.37 7.21 -24.32
CG MSE B 117 -5.69 5.81 -23.82
SE MSE B 117 -7.58 5.54 -23.47
CE MSE B 117 -7.89 7.04 -22.21
N ASP B 118 -4.51 9.13 -26.65
CA ASP B 118 -3.98 10.42 -27.14
C ASP B 118 -4.85 11.06 -28.21
N ASN B 119 -5.64 10.25 -28.90
CA ASN B 119 -6.63 10.75 -29.87
C ASN B 119 -7.95 11.19 -29.23
N ILE B 120 -8.35 10.53 -28.13
CA ILE B 120 -9.68 10.74 -27.54
C ILE B 120 -9.69 11.66 -26.32
N MSE B 121 -8.53 11.84 -25.69
CA MSE B 121 -8.46 12.79 -24.57
C MSE B 121 -8.08 14.17 -25.10
O MSE B 121 -6.91 14.50 -25.28
CB MSE B 121 -7.52 12.31 -23.46
CG MSE B 121 -8.06 11.09 -22.70
SE MSE B 121 -6.95 10.54 -21.19
CE MSE B 121 -7.07 12.16 -20.10
N ILE B 122 -9.12 14.96 -25.38
CA ILE B 122 -8.97 16.23 -26.08
C ILE B 122 -9.73 17.32 -25.32
N ALA B 123 -9.02 18.38 -24.97
CA ALA B 123 -9.59 19.52 -24.27
C ALA B 123 -10.75 20.15 -25.05
N ARG B 124 -11.82 20.48 -24.31
CA ARG B 124 -13.04 21.07 -24.87
C ARG B 124 -13.92 20.08 -25.64
N GLU B 125 -13.44 18.83 -25.75
CA GLU B 125 -14.19 17.79 -26.46
C GLU B 125 -14.65 16.65 -25.55
N THR B 126 -13.71 16.03 -24.85
CA THR B 126 -14.04 14.94 -23.93
C THR B 126 -13.78 15.33 -22.48
N PHE B 127 -13.03 16.41 -22.30
CA PHE B 127 -12.83 17.01 -20.98
C PHE B 127 -12.52 18.49 -21.19
N LYS B 128 -12.51 19.26 -20.11
CA LYS B 128 -12.17 20.66 -20.20
C LYS B 128 -11.49 21.09 -18.91
N TYR B 129 -10.55 22.03 -19.03
CA TYR B 129 -9.90 22.61 -17.87
C TYR B 129 -10.83 23.60 -17.18
N THR B 130 -10.69 23.72 -15.86
CA THR B 130 -11.46 24.69 -15.10
C THR B 130 -10.53 25.52 -14.25
N GLU B 131 -11.07 26.49 -13.52
CA GLU B 131 -10.27 27.27 -12.57
C GLU B 131 -9.72 26.33 -11.50
N THR B 132 -10.61 25.51 -10.95
CA THR B 132 -10.23 24.46 -10.01
C THR B 132 -9.16 23.55 -10.61
N GLY B 133 -9.54 22.78 -11.63
CA GLY B 133 -8.60 21.87 -12.26
C GLY B 133 -9.04 21.44 -13.65
N SER B 134 -9.76 20.32 -13.72
CA SER B 134 -10.12 19.69 -14.98
C SER B 134 -11.36 18.82 -14.79
N VAL B 135 -12.28 18.86 -15.75
CA VAL B 135 -13.49 18.04 -15.65
C VAL B 135 -13.84 17.33 -16.96
N GLY B 136 -14.37 16.11 -16.83
CA GLY B 136 -14.80 15.35 -17.98
C GLY B 136 -16.08 15.94 -18.57
N LEU B 137 -16.30 15.69 -19.86
CA LEU B 137 -17.47 16.21 -20.56
C LEU B 137 -18.43 15.11 -21.00
N LEU B 138 -18.10 13.87 -20.68
CA LEU B 138 -18.90 12.72 -21.08
C LEU B 138 -19.69 12.14 -19.90
N LYS B 139 -20.27 13.01 -19.10
CA LYS B 139 -21.03 12.61 -17.93
C LYS B 139 -22.48 12.37 -18.32
N ASP B 140 -22.75 11.33 -19.11
CA ASP B 140 -24.10 11.11 -19.61
C ASP B 140 -24.53 9.64 -19.70
N GLY B 141 -24.11 8.82 -18.74
CA GLY B 141 -24.57 7.45 -18.63
C GLY B 141 -23.94 6.41 -19.55
N ARG B 142 -22.73 6.67 -20.05
CA ARG B 142 -22.04 5.73 -20.92
C ARG B 142 -21.51 4.53 -20.15
N ARG B 143 -21.25 3.45 -20.88
CA ARG B 143 -20.79 2.19 -20.27
C ARG B 143 -19.49 1.72 -20.91
N MSE B 144 -18.63 1.09 -20.12
CA MSE B 144 -17.39 0.53 -20.65
CA MSE B 144 -17.38 0.54 -20.64
C MSE B 144 -17.15 -0.89 -20.17
O MSE B 144 -17.30 -1.19 -18.97
CB MSE B 144 -16.22 1.40 -20.27
CB MSE B 144 -16.20 1.42 -20.21
CG MSE B 144 -14.89 0.67 -20.32
CG MSE B 144 -14.85 0.71 -20.19
SE MSE B 144 -13.42 1.94 -20.45
SE MSE B 144 -14.04 0.48 -21.95
CE MSE B 144 -14.04 2.95 -22.01
CE MSE B 144 -14.00 2.34 -22.54
N LEU B 145 -16.79 -1.77 -21.10
CA LEU B 145 -16.43 -3.15 -20.78
C LEU B 145 -15.00 -3.37 -21.26
N VAL B 146 -14.14 -3.81 -20.33
CA VAL B 146 -12.76 -4.16 -20.66
C VAL B 146 -12.61 -5.68 -20.62
N ILE B 147 -12.11 -6.23 -21.72
CA ILE B 147 -11.82 -7.65 -21.82
C ILE B 147 -10.30 -7.85 -21.86
N GLN B 148 -9.74 -8.32 -20.75
CA GLN B 148 -8.28 -8.42 -20.61
C GLN B 148 -7.82 -9.84 -20.36
N ALA B 149 -6.94 -10.35 -21.22
CA ALA B 149 -6.30 -11.63 -20.98
C ALA B 149 -4.91 -11.42 -20.42
N SER B 150 -4.54 -12.23 -19.44
CA SER B 150 -3.21 -12.12 -18.83
C SER B 150 -2.65 -13.48 -18.41
N GLY B 151 -1.33 -13.60 -18.43
CA GLY B 151 -0.66 -14.80 -17.96
C GLY B 151 -0.87 -15.06 -16.48
N GLY B 152 -0.80 -13.99 -15.67
CA GLY B 152 -0.91 -14.11 -14.23
C GLY B 152 -2.31 -13.80 -13.70
N ILE B 153 -2.45 -13.91 -12.38
CA ILE B 153 -3.73 -13.68 -11.74
C ILE B 153 -3.68 -12.41 -10.90
N TYR B 154 -4.68 -11.54 -11.11
CA TYR B 154 -4.65 -10.17 -10.59
C TYR B 154 -5.70 -9.88 -9.54
N THR B 155 -6.44 -10.90 -9.13
CA THR B 155 -7.55 -10.71 -8.21
C THR B 155 -7.24 -11.22 -6.80
N ASN B 156 -5.96 -11.46 -6.51
CA ASN B 156 -5.55 -11.98 -5.21
C ASN B 156 -5.09 -10.93 -4.19
N ASP B 157 -5.18 -9.65 -4.54
CA ASP B 157 -4.77 -8.57 -3.64
C ASP B 157 -3.30 -8.71 -3.21
N ASP B 158 -2.44 -9.01 -4.19
CA ASP B 158 -1.01 -9.17 -3.97
C ASP B 158 -0.24 -8.23 -4.88
N TRP B 159 1.00 -8.59 -5.21
CA TRP B 159 1.85 -7.71 -6.04
C TRP B 159 1.25 -7.47 -7.42
N TYR B 160 0.68 -8.52 -8.03
CA TYR B 160 0.05 -8.41 -9.35
C TYR B 160 -1.05 -7.36 -9.36
N THR B 161 -1.90 -7.40 -8.34
CA THR B 161 -2.99 -6.45 -8.24
C THR B 161 -2.45 -5.01 -8.24
N ASP B 162 -1.36 -4.80 -7.52
CA ASP B 162 -0.75 -3.48 -7.37
C ASP B 162 -0.14 -2.94 -8.67
N VAL B 163 0.37 -3.84 -9.50
CA VAL B 163 1.03 -3.42 -10.75
C VAL B 163 0.15 -3.60 -11.98
N GLU B 164 -1.15 -3.80 -11.76
CA GLU B 164 -2.08 -3.96 -12.88
C GLU B 164 -2.42 -2.59 -13.47
N TYR B 165 -1.42 -1.91 -14.02
CA TYR B 165 -1.58 -0.52 -14.45
C TYR B 165 -2.45 -0.34 -15.70
N SER B 166 -2.65 -1.44 -16.43
CA SER B 166 -3.61 -1.45 -17.53
C SER B 166 -5.00 -1.11 -17.01
N HIS B 167 -5.48 -1.88 -16.04
CA HIS B 167 -6.78 -1.68 -15.41
C HIS B 167 -6.86 -0.36 -14.65
N LYS B 168 -5.84 -0.08 -13.83
CA LYS B 168 -5.83 1.12 -13.01
C LYS B 168 -5.88 2.39 -13.87
N TYR B 169 -5.11 2.40 -14.95
CA TYR B 169 -5.11 3.52 -15.90
C TYR B 169 -6.45 3.69 -16.64
N LEU B 170 -6.96 2.62 -17.22
CA LEU B 170 -8.18 2.73 -18.01
C LEU B 170 -9.36 3.16 -17.13
N LYS B 171 -9.53 2.51 -15.99
CA LYS B 171 -10.61 2.87 -15.08
C LYS B 171 -10.52 4.33 -14.60
N ALA B 172 -9.31 4.79 -14.27
CA ALA B 172 -9.09 6.18 -13.83
C ALA B 172 -9.39 7.19 -14.94
N MSE B 173 -8.92 6.89 -16.15
CA MSE B 173 -9.11 7.80 -17.30
C MSE B 173 -10.58 7.91 -17.69
O MSE B 173 -11.10 9.00 -17.88
CB MSE B 173 -8.29 7.36 -18.50
CG MSE B 173 -6.78 7.53 -18.33
SE MSE B 173 -6.23 9.33 -17.73
CE MSE B 173 -6.18 9.05 -15.80
N PHE B 174 -11.25 6.77 -17.84
CA PHE B 174 -12.64 6.81 -18.26
C PHE B 174 -13.56 7.33 -17.17
N ASN B 175 -13.25 7.01 -15.91
CA ASN B 175 -13.94 7.61 -14.77
C ASN B 175 -13.80 9.14 -14.79
N PHE B 176 -12.57 9.60 -15.08
CA PHE B 176 -12.29 11.03 -15.26
C PHE B 176 -13.16 11.68 -16.36
N LEU B 177 -13.25 11.02 -17.52
CA LEU B 177 -14.03 11.55 -18.64
C LEU B 177 -15.52 11.58 -18.34
N GLY B 178 -15.99 10.68 -17.47
CA GLY B 178 -17.38 10.69 -17.07
C GLY B 178 -18.02 9.31 -17.15
N ILE B 179 -17.24 8.33 -17.59
CA ILE B 179 -17.74 6.95 -17.70
C ILE B 179 -17.54 6.21 -16.37
N GLU B 180 -18.58 6.19 -15.55
CA GLU B 180 -18.49 5.58 -14.24
C GLU B 180 -18.99 4.12 -14.23
N ASP B 181 -19.72 3.74 -15.27
CA ASP B 181 -20.23 2.36 -15.40
C ASP B 181 -19.17 1.53 -16.11
N TYR B 182 -18.33 0.90 -15.30
CA TYR B 182 -17.13 0.24 -15.78
C TYR B 182 -17.10 -1.19 -15.28
N GLN B 183 -16.85 -2.13 -16.20
CA GLN B 183 -16.64 -3.53 -15.83
C GLN B 183 -15.41 -4.09 -16.52
N ILE B 184 -14.59 -4.81 -15.77
CA ILE B 184 -13.49 -5.55 -16.38
C ILE B 184 -13.72 -7.05 -16.23
N VAL B 185 -13.56 -7.77 -17.33
CA VAL B 185 -13.55 -9.22 -17.28
C VAL B 185 -12.11 -9.68 -17.51
N ARG B 186 -11.58 -10.38 -16.52
CA ARG B 186 -10.19 -10.83 -16.55
C ARG B 186 -10.08 -12.31 -16.94
N ALA B 187 -9.71 -12.56 -18.20
CA ALA B 187 -9.34 -13.90 -18.64
C ALA B 187 -7.89 -14.18 -18.21
N GLN B 188 -7.74 -14.46 -16.92
CA GLN B 188 -6.44 -14.42 -16.27
C GLN B 188 -5.92 -15.83 -15.97
N GLY B 189 -4.64 -15.90 -15.62
CA GLY B 189 -4.03 -17.16 -15.23
C GLY B 189 -3.78 -18.09 -16.41
N THR B 190 -3.66 -17.52 -17.60
CA THR B 190 -3.44 -18.32 -18.79
C THR B 190 -2.10 -19.06 -18.73
N ALA B 191 -1.24 -18.66 -17.80
CA ALA B 191 0.05 -19.31 -17.63
C ALA B 191 0.00 -20.38 -16.54
N VAL B 192 -1.08 -20.39 -15.76
CA VAL B 192 -1.13 -21.30 -14.62
C VAL B 192 -2.38 -22.15 -14.53
N LEU B 193 -3.50 -21.64 -15.00
CA LEU B 193 -4.75 -22.38 -14.94
C LEU B 193 -4.97 -23.20 -16.22
N ASP B 194 -5.89 -24.16 -16.15
CA ASP B 194 -6.26 -24.92 -17.34
C ASP B 194 -6.87 -23.96 -18.36
N PRO B 195 -6.41 -24.01 -19.61
CA PRO B 195 -6.88 -23.09 -20.65
C PRO B 195 -8.39 -23.19 -20.90
N THR B 196 -8.96 -24.37 -20.70
CA THR B 196 -10.40 -24.56 -20.89
C THR B 196 -11.19 -23.89 -19.75
N GLU B 197 -10.65 -23.94 -18.53
CA GLU B 197 -11.24 -23.27 -17.38
C GLU B 197 -11.21 -21.77 -17.53
N VAL B 198 -10.10 -21.27 -18.08
CA VAL B 198 -9.97 -19.86 -18.39
C VAL B 198 -11.05 -19.39 -19.38
N LEU B 199 -11.14 -20.04 -20.53
CA LEU B 199 -12.09 -19.63 -21.56
C LEU B 199 -13.55 -19.72 -21.07
N GLN B 200 -13.90 -20.86 -20.47
CA GLN B 200 -15.26 -21.12 -20.06
C GLN B 200 -15.73 -20.08 -19.05
N ASN B 201 -14.85 -19.77 -18.10
CA ASN B 201 -15.18 -18.76 -17.12
C ASN B 201 -15.32 -17.38 -17.74
N ALA B 202 -14.38 -17.03 -18.61
CA ALA B 202 -14.42 -15.74 -19.32
C ALA B 202 -15.68 -15.63 -20.15
N TYR B 203 -16.01 -16.72 -20.86
CA TYR B 203 -17.23 -16.79 -21.64
C TYR B 203 -18.46 -16.47 -20.80
N LYS B 204 -18.55 -17.06 -19.61
CA LYS B 204 -19.74 -16.88 -18.78
C LYS B 204 -19.94 -15.42 -18.39
N GLU B 205 -18.85 -14.78 -17.97
CA GLU B 205 -18.89 -13.38 -17.57
C GLU B 205 -19.21 -12.41 -18.72
N VAL B 206 -18.65 -12.62 -19.91
CA VAL B 206 -18.91 -11.72 -21.04
C VAL B 206 -20.33 -11.90 -21.58
N GLU B 207 -20.86 -13.11 -21.48
CA GLU B 207 -22.25 -13.37 -21.85
C GLU B 207 -23.16 -12.55 -20.96
N GLU B 208 -22.89 -12.59 -19.67
CA GLU B 208 -23.69 -11.83 -18.71
C GLU B 208 -23.50 -10.32 -18.89
N ALA B 209 -22.27 -9.91 -19.19
CA ALA B 209 -22.02 -8.49 -19.53
C ALA B 209 -22.83 -8.09 -20.76
N ALA B 210 -22.78 -8.93 -21.79
CA ALA B 210 -23.53 -8.68 -23.02
C ALA B 210 -25.01 -8.48 -22.71
N SER B 211 -25.53 -9.27 -21.77
CA SER B 211 -26.94 -9.24 -21.41
C SER B 211 -27.26 -7.99 -20.58
N ARG B 212 -26.38 -7.68 -19.63
CA ARG B 212 -26.55 -6.48 -18.84
C ARG B 212 -26.57 -5.25 -19.75
N LEU B 213 -25.60 -5.19 -20.67
CA LEU B 213 -25.42 -4.03 -21.53
C LEU B 213 -26.55 -3.88 -22.55
N ALA B 214 -27.13 -5.00 -22.97
CA ALA B 214 -28.25 -4.99 -23.90
C ALA B 214 -29.57 -4.89 -23.15
N ASN B 215 -29.49 -5.08 -21.84
CA ASN B 215 -30.66 -5.20 -20.94
C ASN B 215 -31.65 -6.25 -21.44
N LYS B 216 -31.10 -7.42 -21.75
CA LYS B 216 -31.89 -8.58 -22.17
C LYS B 216 -31.13 -9.83 -21.76
N TYR B 217 -31.67 -10.50 -20.75
CA TYR B 217 -31.10 -11.75 -20.26
C TYR B 217 -31.95 -12.91 -20.75
N ILE B 218 -31.32 -13.85 -21.45
CA ILE B 218 -31.98 -15.08 -21.85
C ILE B 218 -31.32 -16.20 -21.09
N PHE B 219 -32.01 -16.71 -20.07
CA PHE B 219 -31.47 -17.77 -19.22
C PHE B 219 -31.94 -19.15 -19.68
N SER B 220 -31.04 -20.12 -19.61
CA SER B 220 -31.40 -21.52 -19.83
C SER B 220 -30.61 -22.47 -18.90
N ALA C 3 -27.90 3.54 23.01
CA ALA C 3 -27.55 2.50 22.06
C ALA C 3 -28.80 1.83 21.49
N MSE C 4 -28.74 1.53 20.19
CA MSE C 4 -29.86 0.94 19.47
C MSE C 4 -29.93 -0.57 19.71
O MSE C 4 -29.14 -1.11 20.48
CB MSE C 4 -29.67 1.22 17.97
CG MSE C 4 -29.12 2.62 17.71
SE MSE C 4 -28.93 2.95 15.82
CE MSE C 4 -30.15 1.58 15.16
N ASN C 5 -30.88 -1.24 19.07
CA ASN C 5 -30.95 -2.71 19.09
C ASN C 5 -29.97 -3.30 18.07
N LYS C 6 -28.69 -3.12 18.32
CA LYS C 6 -27.68 -3.40 17.32
C LYS C 6 -26.48 -4.07 17.97
N THR C 7 -25.99 -5.15 17.35
CA THR C 7 -24.79 -5.83 17.79
C THR C 7 -23.66 -5.49 16.83
N LEU C 8 -22.48 -5.22 17.37
CA LEU C 8 -21.35 -4.90 16.52
C LEU C 8 -20.23 -5.92 16.68
N ILE C 9 -19.85 -6.54 15.58
CA ILE C 9 -18.72 -7.46 15.55
C ILE C 9 -17.44 -6.67 15.29
N ILE C 10 -16.50 -6.76 16.22
CA ILE C 10 -15.17 -6.19 16.04
C ILE C 10 -14.18 -7.33 15.82
N ASN C 11 -13.86 -7.58 14.55
CA ASN C 11 -13.01 -8.69 14.17
C ASN C 11 -11.53 -8.27 14.12
N ALA C 12 -10.76 -8.69 15.10
CA ALA C 12 -9.34 -8.28 15.19
C ALA C 12 -8.35 -9.32 14.63
N HIS C 13 -8.85 -10.23 13.81
CA HIS C 13 -8.02 -11.29 13.25
C HIS C 13 -7.39 -10.86 11.92
N PRO C 14 -6.05 -10.91 11.83
CA PRO C 14 -5.36 -10.55 10.59
C PRO C 14 -5.85 -11.31 9.34
N LYS C 15 -6.38 -12.52 9.53
CA LYS C 15 -6.85 -13.31 8.38
C LYS C 15 -8.31 -13.03 8.05
N VAL C 16 -8.92 -12.12 8.80
CA VAL C 16 -10.28 -11.62 8.53
C VAL C 16 -11.37 -12.69 8.56
N ASP C 17 -11.49 -13.47 7.49
CA ASP C 17 -12.62 -14.40 7.35
C ASP C 17 -12.23 -15.87 7.18
N ASP C 18 -10.93 -16.12 7.01
CA ASP C 18 -10.41 -17.48 6.87
C ASP C 18 -11.00 -18.43 7.91
N THR C 19 -11.68 -19.47 7.43
CA THR C 19 -12.44 -20.39 8.29
C THR C 19 -11.57 -21.29 9.18
N SER C 20 -10.33 -21.51 8.79
CA SER C 20 -9.43 -22.39 9.54
C SER C 20 -8.88 -21.81 10.84
N SER C 21 -9.22 -20.54 11.13
CA SER C 21 -8.79 -19.88 12.36
C SER C 21 -9.67 -20.30 13.52
N VAL C 22 -9.07 -20.78 14.59
CA VAL C 22 -9.82 -21.24 15.76
C VAL C 22 -10.83 -20.19 16.29
N SER C 23 -10.37 -18.96 16.47
CA SER C 23 -11.25 -17.88 16.92
C SER C 23 -12.35 -17.55 15.91
N ILE C 24 -12.04 -17.66 14.62
CA ILE C 24 -13.04 -17.43 13.58
C ILE C 24 -14.10 -18.56 13.54
N LYS C 25 -13.66 -19.81 13.68
CA LYS C 25 -14.59 -20.94 13.80
C LYS C 25 -15.52 -20.76 14.99
N VAL C 26 -14.95 -20.42 16.15
CA VAL C 26 -15.75 -20.25 17.36
C VAL C 26 -16.74 -19.08 17.21
N PHE C 27 -16.28 -17.98 16.61
CA PHE C 27 -17.14 -16.83 16.33
C PHE C 27 -18.31 -17.18 15.40
N LYS C 28 -18.01 -17.93 14.34
CA LYS C 28 -19.05 -18.29 13.38
C LYS C 28 -20.09 -19.22 14.03
N HIS C 29 -19.63 -20.08 14.93
CA HIS C 29 -20.53 -20.91 15.71
C HIS C 29 -21.41 -20.02 16.62
N PHE C 30 -20.77 -19.06 17.29
CA PHE C 30 -21.51 -18.08 18.08
C PHE C 30 -22.57 -17.36 17.24
N LEU C 31 -22.18 -16.85 16.07
CA LEU C 31 -23.07 -16.02 15.27
C LEU C 31 -24.30 -16.78 14.78
N GLU C 32 -24.09 -18.03 14.37
CA GLU C 32 -25.19 -18.90 13.96
C GLU C 32 -26.16 -19.10 15.11
N SER C 33 -25.62 -19.42 16.27
CA SER C 33 -26.40 -19.62 17.49
C SER C 33 -27.15 -18.34 17.93
N TYR C 34 -26.43 -17.23 17.93
CA TYR C 34 -27.00 -15.92 18.27
C TYR C 34 -28.16 -15.56 17.34
N LYS C 35 -27.94 -15.69 16.03
CA LYS C 35 -28.95 -15.32 15.04
C LYS C 35 -30.28 -16.06 15.22
N GLU C 36 -30.25 -17.25 15.82
CA GLU C 36 -31.46 -18.03 16.09
C GLU C 36 -32.27 -17.47 17.24
N LEU C 37 -31.61 -16.77 18.15
CA LEU C 37 -32.25 -16.36 19.41
C LEU C 37 -32.64 -14.87 19.47
N ILE C 38 -31.93 -14.02 18.72
CA ILE C 38 -32.19 -12.58 18.75
C ILE C 38 -33.60 -12.24 18.27
N SER C 39 -34.19 -11.21 18.87
CA SER C 39 -35.49 -10.70 18.44
C SER C 39 -35.37 -10.07 17.06
N ASN C 40 -36.50 -9.90 16.38
CA ASN C 40 -36.49 -9.38 15.01
C ASN C 40 -36.07 -7.90 14.95
N ASN C 41 -36.02 -7.23 16.10
CA ASN C 41 -35.60 -5.83 16.11
C ASN C 41 -34.09 -5.64 16.08
N GLU C 42 -33.35 -6.74 16.26
CA GLU C 42 -31.89 -6.68 16.36
C GLU C 42 -31.22 -6.68 15.00
N THR C 43 -30.31 -5.73 14.80
CA THR C 43 -29.49 -5.74 13.60
C THR C 43 -28.02 -5.98 13.98
N ILE C 44 -27.21 -6.31 12.99
CA ILE C 44 -25.81 -6.62 13.25
C ILE C 44 -24.90 -5.98 12.21
N GLU C 45 -23.81 -5.36 12.71
CA GLU C 45 -22.79 -4.82 11.83
C GLU C 45 -21.44 -5.43 12.22
N GLN C 46 -20.49 -5.40 11.29
CA GLN C 46 -19.16 -5.93 11.55
C GLN C 46 -18.07 -5.04 10.95
N ILE C 47 -17.06 -4.75 11.75
CA ILE C 47 -15.89 -4.03 11.26
C ILE C 47 -14.70 -4.98 11.28
N ASN C 48 -14.00 -5.06 10.15
CA ASN C 48 -12.85 -5.94 10.04
C ASN C 48 -11.59 -5.10 10.16
N LEU C 49 -10.92 -5.23 11.30
CA LEU C 49 -9.79 -4.35 11.64
C LEU C 49 -8.59 -4.53 10.72
N TYR C 50 -8.49 -5.67 10.05
CA TYR C 50 -7.37 -5.92 9.14
C TYR C 50 -7.77 -5.87 7.67
N ASP C 51 -8.97 -5.32 7.41
CA ASP C 51 -9.45 -5.14 6.04
C ASP C 51 -10.07 -3.76 5.84
N ASP C 52 -10.94 -3.36 6.77
CA ASP C 52 -11.53 -2.02 6.72
C ASP C 52 -10.48 -0.99 7.08
N VAL C 53 -10.75 0.29 6.77
CA VAL C 53 -9.84 1.36 7.14
C VAL C 53 -10.05 1.74 8.60
N VAL C 54 -9.03 1.50 9.41
CA VAL C 54 -9.06 1.89 10.82
C VAL C 54 -7.86 2.79 11.04
N PRO C 55 -8.09 4.12 11.00
CA PRO C 55 -6.99 5.09 11.09
C PRO C 55 -6.12 4.92 12.34
N MSE C 56 -4.82 4.94 12.10
CA MSE C 56 -3.83 4.92 13.15
C MSE C 56 -3.54 6.36 13.59
O MSE C 56 -3.50 7.27 12.76
CB MSE C 56 -2.55 4.30 12.57
CG MSE C 56 -1.41 4.25 13.49
SE MSE C 56 0.12 3.66 12.49
CE MSE C 56 0.50 5.29 11.47
N ILE C 57 -3.31 6.58 14.90
CA ILE C 57 -2.82 7.89 15.35
C ILE C 57 -1.41 8.14 14.79
N ASP C 58 -1.30 9.07 13.84
CA ASP C 58 0.01 9.50 13.35
C ASP C 58 0.14 11.04 13.41
N LYS C 59 1.23 11.56 12.85
CA LYS C 59 1.44 13.02 12.77
C LYS C 59 0.20 13.75 12.26
N THR C 60 -0.45 13.21 11.25
CA THR C 60 -1.60 13.89 10.63
C THR C 60 -2.82 13.94 11.56
N VAL C 61 -3.09 12.84 12.26
CA VAL C 61 -4.22 12.78 13.20
C VAL C 61 -4.01 13.73 14.40
N LEU C 62 -2.79 13.75 14.94
CA LEU C 62 -2.44 14.61 16.06
C LEU C 62 -2.55 16.09 15.65
N SER C 63 -2.14 16.37 14.41
CA SER C 63 -2.32 17.70 13.83
C SER C 63 -3.80 18.08 13.69
N ALA C 64 -4.58 17.16 13.13
CA ALA C 64 -6.01 17.36 12.96
C ALA C 64 -6.65 17.66 14.30
N TRP C 65 -6.32 16.84 15.29
CA TRP C 65 -6.90 16.96 16.62
C TRP C 65 -6.54 18.27 17.31
N GLU C 66 -5.31 18.71 17.13
CA GLU C 66 -4.86 19.97 17.72
C GLU C 66 -5.60 21.15 17.10
N LYS C 67 -5.80 21.10 15.79
CA LYS C 67 -6.53 22.15 15.07
C LYS C 67 -8.01 22.18 15.49
N GLN C 68 -8.62 21.01 15.57
CA GLN C 68 -10.02 20.94 15.95
C GLN C 68 -10.24 21.58 17.31
N GLY C 69 -9.25 21.46 18.19
CA GLY C 69 -9.31 22.06 19.51
C GLY C 69 -9.06 23.55 19.52
N ASN C 70 -8.61 24.09 18.38
CA ASN C 70 -8.38 25.53 18.23
C ASN C 70 -9.34 26.15 17.22
N GLY C 71 -10.42 25.41 16.91
CA GLY C 71 -11.40 25.85 15.94
C GLY C 71 -10.80 26.09 14.57
N GLN C 72 -9.53 25.72 14.41
CA GLN C 72 -8.80 25.92 13.18
C GLN C 72 -9.32 25.01 12.08
N GLU C 73 -9.27 25.50 10.85
CA GLU C 73 -9.62 24.70 9.69
C GLU C 73 -8.67 23.51 9.57
N LEU C 74 -9.18 22.39 9.08
CA LEU C 74 -8.33 21.23 8.81
C LEU C 74 -7.91 21.22 7.34
N THR C 75 -6.81 20.55 7.05
CA THR C 75 -6.39 20.32 5.68
C THR C 75 -7.31 19.26 5.06
N ARG C 76 -7.12 18.98 3.77
CA ARG C 76 -7.92 17.97 3.08
C ARG C 76 -7.74 16.59 3.70
N GLU C 77 -6.47 16.20 3.88
CA GLU C 77 -6.14 14.89 4.44
C GLU C 77 -6.50 14.77 5.93
N GLU C 78 -6.37 15.86 6.67
CA GLU C 78 -6.84 15.90 8.07
C GLU C 78 -8.36 15.74 8.14
N GLN C 79 -9.07 16.39 7.22
CA GLN C 79 -10.52 16.27 7.15
C GLN C 79 -10.93 14.83 6.85
N LYS C 80 -10.28 14.23 5.86
CA LYS C 80 -10.62 12.88 5.40
C LYS C 80 -10.39 11.80 6.46
N VAL C 81 -9.26 11.88 7.17
CA VAL C 81 -8.99 10.89 8.21
C VAL C 81 -9.91 11.02 9.42
N THR C 82 -10.16 12.25 9.88
CA THR C 82 -11.05 12.49 11.01
C THR C 82 -12.53 12.14 10.74
N GLU C 83 -12.95 12.28 9.49
CA GLU C 83 -14.29 11.86 9.08
C GLU C 83 -14.46 10.35 9.23
N ARG C 84 -13.43 9.59 8.84
CA ARG C 84 -13.44 8.15 9.01
C ARG C 84 -13.37 7.73 10.50
N MSE C 85 -12.55 8.42 11.29
CA MSE C 85 -12.52 8.16 12.74
C MSE C 85 -13.88 8.45 13.37
O MSE C 85 -14.35 7.71 14.24
CB MSE C 85 -11.41 8.98 13.41
CG MSE C 85 -10.03 8.65 12.89
SE MSE C 85 -8.63 9.60 13.85
CE MSE C 85 -8.20 8.24 15.21
N SER C 86 -14.54 9.51 12.89
CA SER C 86 -15.88 9.83 13.35
C SER C 86 -16.91 8.73 13.01
N GLU C 87 -16.83 8.20 11.78
CA GLU C 87 -17.66 7.07 11.36
C GLU C 87 -17.50 5.89 12.30
N ILE C 88 -16.24 5.51 12.56
CA ILE C 88 -15.93 4.38 13.43
C ILE C 88 -16.46 4.58 14.87
N LEU C 89 -16.31 5.79 15.40
CA LEU C 89 -16.80 6.12 16.74
C LEU C 89 -18.31 6.08 16.82
N GLN C 90 -18.98 6.65 15.83
CA GLN C 90 -20.44 6.70 15.85
C GLN C 90 -21.05 5.31 15.66
N GLN C 91 -20.38 4.46 14.89
CA GLN C 91 -20.79 3.05 14.79
C GLN C 91 -20.67 2.33 16.15
N PHE C 92 -19.53 2.50 16.81
CA PHE C 92 -19.32 1.96 18.15
C PHE C 92 -20.43 2.42 19.15
N LYS C 93 -20.71 3.72 19.17
CA LYS C 93 -21.72 4.24 20.10
C LYS C 93 -23.13 3.72 19.83
N SER C 94 -23.38 3.27 18.60
CA SER C 94 -24.74 2.92 18.19
C SER C 94 -25.14 1.53 18.65
N ALA C 95 -24.14 0.72 19.02
CA ALA C 95 -24.32 -0.67 19.44
C ALA C 95 -24.46 -0.82 20.96
N ASN C 96 -25.33 -1.74 21.40
CA ASN C 96 -25.38 -2.03 22.84
C ASN C 96 -24.85 -3.43 23.18
N THR C 97 -24.44 -4.16 22.14
CA THR C 97 -23.79 -5.47 22.30
C THR C 97 -22.55 -5.52 21.42
N TYR C 98 -21.41 -5.89 22.00
CA TYR C 98 -20.15 -5.90 21.27
C TYR C 98 -19.57 -7.31 21.27
N VAL C 99 -19.02 -7.75 20.14
CA VAL C 99 -18.30 -9.02 20.09
C VAL C 99 -16.90 -8.82 19.51
N ILE C 100 -15.88 -9.02 20.35
CA ILE C 100 -14.49 -8.92 19.89
C ILE C 100 -13.89 -10.30 19.61
N VAL C 101 -13.36 -10.46 18.39
CA VAL C 101 -12.70 -11.70 17.98
C VAL C 101 -11.21 -11.45 17.76
N LEU C 102 -10.36 -12.19 18.47
CA LEU C 102 -8.93 -12.00 18.32
C LEU C 102 -8.15 -13.26 18.58
N PRO C 103 -7.02 -13.42 17.86
CA PRO C 103 -5.96 -14.35 18.25
C PRO C 103 -5.05 -13.64 19.24
N LEU C 104 -4.65 -14.34 20.30
CA LEU C 104 -3.69 -13.79 21.25
C LEU C 104 -2.29 -14.08 20.74
N HIS C 105 -1.58 -13.02 20.35
CA HIS C 105 -0.18 -13.16 19.97
C HIS C 105 0.65 -12.20 20.80
N ASN C 106 1.68 -12.72 21.45
CA ASN C 106 2.58 -11.91 22.26
C ASN C 106 1.89 -11.13 23.39
N PHE C 107 0.88 -11.76 24.00
CA PHE C 107 0.31 -11.38 25.29
C PHE C 107 -0.35 -10.02 25.34
N ASN C 108 -0.80 -9.50 24.20
CA ASN C 108 -1.50 -8.21 24.16
C ASN C 108 -2.48 -8.20 22.99
N ILE C 109 -3.32 -7.18 22.93
CA ILE C 109 -4.25 -7.03 21.83
C ILE C 109 -3.50 -6.81 20.52
N PRO C 110 -4.06 -7.30 19.39
CA PRO C 110 -3.47 -7.01 18.08
C PRO C 110 -3.27 -5.52 17.87
N SER C 111 -2.19 -5.15 17.17
CA SER C 111 -1.92 -3.74 16.90
C SER C 111 -3.13 -2.98 16.35
N LYS C 112 -3.87 -3.59 15.43
CA LYS C 112 -5.02 -2.91 14.86
C LYS C 112 -6.17 -2.75 15.87
N LEU C 113 -6.23 -3.60 16.89
CA LEU C 113 -7.22 -3.41 17.96
C LEU C 113 -6.85 -2.21 18.84
N LYS C 114 -5.55 -1.97 19.02
CA LYS C 114 -5.11 -0.73 19.67
C LYS C 114 -5.53 0.48 18.84
N ASP C 115 -5.33 0.45 17.52
CA ASP C 115 -5.78 1.53 16.65
C ASP C 115 -7.28 1.73 16.79
N TYR C 116 -8.02 0.63 16.89
CA TYR C 116 -9.48 0.73 17.06
C TYR C 116 -9.82 1.40 18.39
N MSE C 117 -9.11 1.02 19.45
CA MSE C 117 -9.33 1.65 20.75
C MSE C 117 -9.07 3.15 20.61
O MSE C 117 -9.77 3.96 21.22
CB MSE C 117 -8.43 1.06 21.85
CG MSE C 117 -8.64 -0.44 22.12
SE MSE C 117 -10.46 -0.89 22.60
CE MSE C 117 -10.65 0.29 24.15
N ASP C 118 -8.09 3.51 19.80
CA ASP C 118 -7.72 4.92 19.61
C ASP C 118 -8.81 5.72 18.86
N ASN C 119 -9.67 5.01 18.14
CA ASN C 119 -10.81 5.60 17.42
C ASN C 119 -12.05 5.79 18.30
N ILE C 120 -12.23 4.90 19.28
CA ILE C 120 -13.46 4.89 20.07
C ILE C 120 -13.33 5.47 21.49
N MSE C 121 -12.10 5.61 22.00
CA MSE C 121 -11.93 6.29 23.29
C MSE C 121 -11.68 7.77 23.08
O MSE C 121 -10.54 8.21 22.91
CB MSE C 121 -10.80 5.66 24.12
CG MSE C 121 -11.14 4.28 24.64
SE MSE C 121 -9.69 3.55 25.66
CE MSE C 121 -9.67 4.86 27.11
N ILE C 122 -12.78 8.53 23.08
CA ILE C 122 -12.79 9.94 22.70
C ILE C 122 -13.48 10.77 23.77
N ALA C 123 -12.82 11.84 24.22
CA ALA C 123 -13.39 12.70 25.28
C ALA C 123 -14.65 13.40 24.79
N ARG C 124 -15.60 13.57 25.70
CA ARG C 124 -16.89 14.19 25.36
C ARG C 124 -17.78 13.26 24.53
N GLU C 125 -17.27 12.08 24.19
CA GLU C 125 -18.00 11.10 23.39
C GLU C 125 -18.24 9.78 24.14
N THR C 126 -17.16 9.05 24.43
CA THR C 126 -17.34 7.79 25.18
C THR C 126 -16.88 7.91 26.64
N PHE C 127 -16.16 9.00 26.93
CA PHE C 127 -15.76 9.32 28.30
C PHE C 127 -15.60 10.83 28.43
N LYS C 128 -15.51 11.32 29.66
CA LYS C 128 -15.25 12.74 29.87
C LYS C 128 -14.30 12.96 31.03
N TYR C 129 -13.54 14.06 30.95
CA TYR C 129 -12.66 14.46 32.04
C TYR C 129 -13.45 15.23 33.10
N THR C 130 -13.14 14.98 34.36
CA THR C 130 -13.71 15.71 35.49
C THR C 130 -12.57 16.25 36.36
N GLU C 131 -12.86 16.53 37.62
CA GLU C 131 -11.86 17.09 38.54
C GLU C 131 -11.05 16.01 39.25
N THR C 132 -11.71 14.93 39.63
CA THR C 132 -11.06 13.82 40.32
C THR C 132 -10.61 12.74 39.34
N GLY C 133 -10.41 13.12 38.08
CA GLY C 133 -9.96 12.20 37.05
C GLY C 133 -10.82 12.24 35.79
N SER C 134 -11.46 11.12 35.48
CA SER C 134 -12.41 11.05 34.37
C SER C 134 -13.45 9.97 34.63
N VAL C 135 -14.46 9.91 33.76
CA VAL C 135 -15.55 8.95 33.90
C VAL C 135 -16.06 8.53 32.53
N GLY C 136 -16.57 7.30 32.43
CA GLY C 136 -17.10 6.78 31.18
C GLY C 136 -18.51 7.30 30.93
N LEU C 137 -18.86 7.47 29.66
CA LEU C 137 -20.15 8.02 29.26
C LEU C 137 -21.14 6.97 28.76
N LEU C 138 -20.68 5.72 28.62
CA LEU C 138 -21.53 4.65 28.12
C LEU C 138 -21.97 3.73 29.26
N LYS C 139 -22.54 4.31 30.31
CA LYS C 139 -22.97 3.54 31.48
C LYS C 139 -24.45 3.22 31.38
N ASP C 140 -24.84 2.54 30.30
CA ASP C 140 -26.26 2.29 30.02
C ASP C 140 -26.61 0.81 29.74
N GLY C 141 -25.88 -0.12 30.35
CA GLY C 141 -26.21 -1.53 30.26
C GLY C 141 -25.79 -2.26 28.99
N ARG C 142 -24.73 -1.78 28.35
CA ARG C 142 -24.22 -2.44 27.16
C ARG C 142 -23.49 -3.72 27.56
N ARG C 143 -23.28 -4.61 26.59
CA ARG C 143 -22.67 -5.90 26.86
C ARG C 143 -21.49 -6.18 25.93
N MSE C 144 -20.51 -6.90 26.44
CA MSE C 144 -19.32 -7.22 25.66
CA MSE C 144 -19.32 -7.22 25.68
C MSE C 144 -18.96 -8.70 25.82
O MSE C 144 -18.95 -9.24 26.93
CB MSE C 144 -18.13 -6.34 26.05
CB MSE C 144 -18.17 -6.36 26.16
CG MSE C 144 -16.76 -6.87 25.63
CG MSE C 144 -16.82 -6.98 25.92
SE MSE C 144 -16.31 -6.70 23.70
SE MSE C 144 -15.51 -5.59 25.66
CE MSE C 144 -16.25 -4.75 23.58
CE MSE C 144 -16.38 -4.61 24.21
N LEU C 145 -18.69 -9.34 24.68
CA LEU C 145 -18.20 -10.71 24.65
C LEU C 145 -16.89 -10.72 23.88
N VAL C 146 -15.86 -11.31 24.48
CA VAL C 146 -14.57 -11.44 23.80
C VAL C 146 -14.32 -12.90 23.45
N ILE C 147 -14.00 -13.18 22.19
CA ILE C 147 -13.66 -14.53 21.76
CA ILE C 147 -13.66 -14.52 21.76
C ILE C 147 -12.17 -14.59 21.45
N GLN C 148 -11.42 -15.26 22.32
CA GLN C 148 -9.95 -15.28 22.19
C GLN C 148 -9.37 -16.69 22.03
N ALA C 149 -8.62 -16.90 20.94
CA ALA C 149 -7.92 -18.16 20.72
C ALA C 149 -6.47 -17.96 21.09
N SER C 150 -5.89 -18.92 21.82
CA SER C 150 -4.51 -18.79 22.28
C SER C 150 -3.80 -20.13 22.28
N GLY C 151 -2.50 -20.10 22.04
CA GLY C 151 -1.68 -21.29 22.10
C GLY C 151 -1.57 -21.82 23.52
N GLY C 152 -1.35 -20.94 24.48
CA GLY C 152 -1.19 -21.35 25.87
C GLY C 152 -2.49 -21.37 26.65
N ILE C 153 -2.40 -21.78 27.92
CA ILE C 153 -3.55 -21.83 28.81
C ILE C 153 -3.42 -20.75 29.88
N TYR C 154 -4.51 -20.01 30.12
CA TYR C 154 -4.48 -18.79 30.92
C TYR C 154 -5.31 -18.84 32.20
N THR C 155 -5.92 -19.99 32.44
CA THR C 155 -6.84 -20.13 33.56
C THR C 155 -6.26 -20.95 34.73
N ASN C 156 -4.93 -21.08 34.77
CA ASN C 156 -4.25 -21.82 35.84
C ASN C 156 -3.73 -20.93 36.98
N ASP C 157 -4.08 -19.65 36.94
CA ASP C 157 -3.63 -18.66 37.93
C ASP C 157 -2.13 -18.76 38.18
N ASP C 158 -1.37 -18.71 37.08
CA ASP C 158 0.09 -18.74 37.12
C ASP C 158 0.60 -17.56 36.32
N TRP C 159 1.82 -17.68 35.79
CA TRP C 159 2.42 -16.59 35.03
C TRP C 159 1.55 -16.18 33.85
N TYR C 160 1.08 -17.15 33.08
CA TYR C 160 0.24 -16.85 31.91
C TYR C 160 -0.97 -15.98 32.28
N THR C 161 -1.62 -16.31 33.40
CA THR C 161 -2.76 -15.55 33.88
C THR C 161 -2.36 -14.11 34.15
N ASP C 162 -1.17 -13.93 34.71
CA ASP C 162 -0.67 -12.61 35.07
C ASP C 162 -0.29 -11.76 33.85
N VAL C 163 0.12 -12.40 32.75
CA VAL C 163 0.54 -11.66 31.55
C VAL C 163 -0.47 -11.68 30.41
N GLU C 164 -1.71 -12.04 30.73
CA GLU C 164 -2.78 -12.02 29.75
C GLU C 164 -3.29 -10.60 29.61
N TYR C 165 -2.45 -9.74 29.02
CA TYR C 165 -2.77 -8.32 28.95
C TYR C 165 -3.83 -7.97 27.91
N SER C 166 -4.01 -8.82 26.93
CA SER C 166 -5.14 -8.69 26.01
C SER C 166 -6.44 -8.55 26.84
N HIS C 167 -6.76 -9.60 27.60
CA HIS C 167 -7.94 -9.64 28.46
C HIS C 167 -7.95 -8.54 29.52
N LYS C 168 -6.85 -8.40 30.25
CA LYS C 168 -6.77 -7.40 31.32
C LYS C 168 -7.08 -6.01 30.78
N TYR C 169 -6.46 -5.66 29.66
CA TYR C 169 -6.66 -4.35 29.06
C TYR C 169 -8.10 -4.18 28.58
N LEU C 170 -8.60 -5.11 27.79
CA LEU C 170 -9.97 -4.97 27.26
C LEU C 170 -11.03 -4.84 28.36
N LYS C 171 -11.01 -5.74 29.36
CA LYS C 171 -11.95 -5.65 30.47
C LYS C 171 -11.88 -4.28 31.15
N ALA C 172 -10.64 -3.85 31.44
CA ALA C 172 -10.39 -2.58 32.12
C ALA C 172 -10.95 -1.37 31.35
N MSE C 173 -10.60 -1.28 30.06
CA MSE C 173 -11.01 -0.16 29.24
C MSE C 173 -12.52 -0.11 29.12
O MSE C 173 -13.15 0.94 29.29
CB MSE C 173 -10.39 -0.23 27.85
CG MSE C 173 -8.88 -0.05 27.85
SE MSE C 173 -8.28 1.61 28.68
CE MSE C 173 -7.71 0.93 30.41
N PHE C 174 -13.13 -1.27 28.86
CA PHE C 174 -14.57 -1.26 28.66
C PHE C 174 -15.32 -0.99 29.94
N ASN C 175 -14.79 -1.47 31.06
CA ASN C 175 -15.38 -1.14 32.37
C ASN C 175 -15.29 0.36 32.64
N PHE C 176 -14.14 0.92 32.29
CA PHE C 176 -13.96 2.36 32.37
C PHE C 176 -15.03 3.11 31.57
N LEU C 177 -15.25 2.71 30.32
CA LEU C 177 -16.24 3.36 29.47
C LEU C 177 -17.66 3.21 30.04
N GLY C 178 -17.86 2.21 30.90
CA GLY C 178 -19.16 1.95 31.50
C GLY C 178 -19.72 0.59 31.15
N ILE C 179 -19.01 -0.14 30.31
CA ILE C 179 -19.46 -1.46 29.86
C ILE C 179 -18.97 -2.51 30.88
N GLU C 180 -19.87 -2.88 31.78
CA GLU C 180 -19.52 -3.70 32.93
C GLU C 180 -19.94 -5.15 32.77
N ASP C 181 -20.85 -5.40 31.82
CA ASP C 181 -21.25 -6.77 31.48
C ASP C 181 -20.26 -7.35 30.47
N TYR C 182 -19.27 -8.07 30.99
CA TYR C 182 -18.14 -8.56 30.20
C TYR C 182 -17.97 -10.07 30.37
N GLN C 183 -17.79 -10.76 29.25
CA GLN C 183 -17.43 -12.17 29.28
C GLN C 183 -16.34 -12.41 28.25
N ILE C 184 -15.37 -13.23 28.63
CA ILE C 184 -14.40 -13.74 27.67
C ILE C 184 -14.50 -15.26 27.54
N VAL C 185 -14.60 -15.72 26.31
CA VAL C 185 -14.50 -17.14 26.01
C VAL C 185 -13.07 -17.42 25.52
N ARG C 186 -12.37 -18.29 26.24
CA ARG C 186 -10.99 -18.63 25.90
C ARG C 186 -10.89 -19.97 25.19
N ALA C 187 -10.74 -19.92 23.87
CA ALA C 187 -10.43 -21.13 23.11
C ALA C 187 -8.93 -21.33 23.25
N GLN C 188 -8.51 -21.72 24.44
CA GLN C 188 -7.10 -21.75 24.82
C GLN C 188 -6.48 -23.13 24.69
N GLY C 189 -5.15 -23.16 24.69
CA GLY C 189 -4.41 -24.40 24.62
C GLY C 189 -4.40 -25.05 23.25
N THR C 190 -4.45 -24.25 22.19
CA THR C 190 -4.41 -24.79 20.82
C THR C 190 -3.05 -25.42 20.49
N ALA C 191 -2.04 -25.16 21.31
CA ALA C 191 -0.70 -25.71 21.06
C ALA C 191 -0.45 -27.00 21.84
N VAL C 192 -1.28 -27.25 22.86
CA VAL C 192 -1.10 -28.43 23.72
C VAL C 192 -2.32 -29.31 23.89
N LEU C 193 -3.50 -28.82 23.51
CA LEU C 193 -4.73 -29.60 23.65
C LEU C 193 -5.26 -30.11 22.30
N ASP C 194 -6.16 -31.09 22.35
CA ASP C 194 -6.76 -31.67 21.14
C ASP C 194 -7.64 -30.65 20.42
N PRO C 195 -7.40 -30.44 19.11
CA PRO C 195 -8.11 -29.44 18.31
C PRO C 195 -9.62 -29.57 18.37
N THR C 196 -10.11 -30.80 18.41
CA THR C 196 -11.54 -31.04 18.52
C THR C 196 -12.03 -30.75 19.95
N GLU C 197 -11.15 -30.94 20.93
CA GLU C 197 -11.45 -30.62 22.32
C GLU C 197 -11.57 -29.11 22.51
N VAL C 198 -10.62 -28.37 21.94
CA VAL C 198 -10.66 -26.90 22.01
C VAL C 198 -11.95 -26.39 21.38
N LEU C 199 -12.19 -26.77 20.12
CA LEU C 199 -13.35 -26.29 19.38
C LEU C 199 -14.66 -26.60 20.10
N GLN C 200 -14.81 -27.85 20.57
CA GLN C 200 -16.05 -28.28 21.21
C GLN C 200 -16.32 -27.61 22.55
N ASN C 201 -15.27 -27.39 23.34
CA ASN C 201 -15.42 -26.68 24.60
C ASN C 201 -15.83 -25.22 24.40
N ALA C 202 -15.21 -24.58 23.41
CA ALA C 202 -15.49 -23.19 23.05
C ALA C 202 -16.88 -23.05 22.45
N TYR C 203 -17.24 -23.98 21.56
CA TYR C 203 -18.58 -24.00 20.99
C TYR C 203 -19.64 -23.98 22.09
N LYS C 204 -19.46 -24.80 23.13
CA LYS C 204 -20.46 -24.88 24.20
C LYS C 204 -20.59 -23.57 24.95
N GLU C 205 -19.46 -22.96 25.29
CA GLU C 205 -19.46 -21.67 25.97
C GLU C 205 -20.12 -20.55 25.18
N VAL C 206 -19.90 -20.53 23.86
CA VAL C 206 -20.46 -19.45 23.05
C VAL C 206 -21.94 -19.68 22.73
N GLU C 207 -22.39 -20.92 22.84
CA GLU C 207 -23.83 -21.20 22.82
C GLU C 207 -24.48 -20.61 24.05
N GLU C 208 -23.93 -20.91 25.22
CA GLU C 208 -24.41 -20.36 26.47
C GLU C 208 -24.37 -18.82 26.48
N ALA C 209 -23.34 -18.24 25.86
CA ALA C 209 -23.21 -16.79 25.74
C ALA C 209 -24.28 -16.21 24.81
N ALA C 210 -24.56 -16.93 23.73
CA ALA C 210 -25.60 -16.54 22.77
C ALA C 210 -26.98 -16.49 23.43
N SER C 211 -27.30 -17.52 24.21
CA SER C 211 -28.54 -17.57 24.98
C SER C 211 -28.62 -16.39 25.94
N ARG C 212 -27.55 -16.21 26.70
CA ARG C 212 -27.48 -15.12 27.67
C ARG C 212 -27.73 -13.77 26.99
N LEU C 213 -26.93 -13.47 25.96
CA LEU C 213 -27.02 -12.16 25.31
C LEU C 213 -28.38 -11.92 24.65
N ALA C 214 -28.98 -12.98 24.12
CA ALA C 214 -30.30 -12.88 23.48
C ALA C 214 -31.40 -12.99 24.51
N ASN C 215 -31.01 -13.38 25.73
CA ASN C 215 -31.94 -13.53 26.84
C ASN C 215 -32.98 -14.62 26.59
N LYS C 216 -32.56 -15.68 25.91
CA LYS C 216 -33.42 -16.83 25.64
C LYS C 216 -32.83 -18.10 26.28
N TYR C 217 -33.68 -19.09 26.48
CA TYR C 217 -33.22 -20.39 26.93
C TYR C 217 -33.67 -21.40 25.89
N ILE C 218 -32.75 -22.21 25.39
CA ILE C 218 -33.11 -23.23 24.41
C ILE C 218 -32.95 -24.63 25.03
N PHE C 219 -33.89 -25.52 24.73
CA PHE C 219 -33.95 -26.84 25.36
C PHE C 219 -34.47 -27.91 24.39
N SER C 220 -33.83 -29.07 24.40
CA SER C 220 -34.30 -30.20 23.62
C SER C 220 -34.34 -31.47 24.45
N LEU C 221 -35.36 -32.30 24.22
CA LEU C 221 -35.41 -33.64 24.78
C LEU C 221 -34.33 -34.51 24.11
N GLU C 222 -33.94 -35.58 24.77
CA GLU C 222 -32.91 -36.47 24.22
C GLU C 222 -33.54 -37.67 23.51
N ASN D 5 32.13 1.54 -16.62
CA ASN D 5 30.69 1.69 -16.43
C ASN D 5 30.01 2.54 -17.49
N LYS D 6 28.71 2.31 -17.70
CA LYS D 6 28.00 2.94 -18.80
C LYS D 6 26.68 3.56 -18.37
N THR D 7 26.43 4.75 -18.89
CA THR D 7 25.16 5.45 -18.67
C THR D 7 24.39 5.42 -19.98
N LEU D 8 23.12 5.03 -19.92
CA LEU D 8 22.27 5.05 -21.10
C LEU D 8 21.16 6.08 -20.94
N ILE D 9 21.10 6.98 -21.92
CA ILE D 9 20.03 7.96 -21.99
CA ILE D 9 20.03 7.97 -22.00
C ILE D 9 18.89 7.44 -22.87
N ILE D 10 17.69 7.37 -22.29
CA ILE D 10 16.50 6.93 -23.01
C ILE D 10 15.58 8.14 -23.16
N ASN D 11 15.62 8.74 -24.35
CA ASN D 11 14.89 9.96 -24.64
C ASN D 11 13.51 9.62 -25.22
N ALA D 12 12.47 9.82 -24.42
CA ALA D 12 11.13 9.40 -24.80
C ALA D 12 10.26 10.57 -25.24
N HIS D 13 10.91 11.64 -25.71
CA HIS D 13 10.17 12.83 -26.13
C HIS D 13 9.88 12.79 -27.64
N PRO D 14 8.60 12.98 -28.04
CA PRO D 14 8.21 13.04 -29.46
C PRO D 14 8.93 14.13 -30.28
N LYS D 15 9.33 15.23 -29.65
CA LYS D 15 10.04 16.30 -30.34
C LYS D 15 11.51 15.93 -30.61
N VAL D 16 11.98 14.89 -29.93
CA VAL D 16 13.36 14.39 -30.04
C VAL D 16 14.39 15.41 -29.54
N ASP D 17 14.60 16.48 -30.30
CA ASP D 17 15.43 17.57 -29.83
C ASP D 17 14.77 18.88 -30.22
N ASP D 18 14.94 19.89 -29.37
CA ASP D 18 14.53 21.25 -29.70
C ASP D 18 15.00 22.19 -28.61
N THR D 19 14.70 23.47 -28.77
CA THR D 19 15.14 24.45 -27.80
C THR D 19 13.97 24.96 -26.95
N SER D 20 12.80 24.33 -27.08
CA SER D 20 11.60 24.86 -26.43
C SER D 20 11.03 23.97 -25.32
N SER D 21 11.19 22.66 -25.46
CA SER D 21 10.60 21.68 -24.52
C SER D 21 11.29 21.67 -23.16
N VAL D 22 10.48 21.75 -22.09
CA VAL D 22 10.99 21.79 -20.71
C VAL D 22 11.87 20.58 -20.30
N SER D 23 11.37 19.36 -20.51
CA SER D 23 12.14 18.16 -20.15
C SER D 23 13.44 18.01 -20.94
N ILE D 24 13.44 18.47 -22.18
CA ILE D 24 14.64 18.39 -23.01
C ILE D 24 15.65 19.41 -22.50
N LYS D 25 15.16 20.58 -22.14
CA LYS D 25 16.02 21.63 -21.57
C LYS D 25 16.68 21.17 -20.28
N VAL D 26 15.87 20.57 -19.42
CA VAL D 26 16.35 20.09 -18.13
C VAL D 26 17.35 18.93 -18.31
N PHE D 27 17.01 17.99 -19.20
CA PHE D 27 17.94 16.91 -19.56
C PHE D 27 19.30 17.43 -20.05
N LYS D 28 19.29 18.41 -20.95
CA LYS D 28 20.54 18.96 -21.46
C LYS D 28 21.38 19.61 -20.36
N HIS D 29 20.72 20.37 -19.47
CA HIS D 29 21.37 20.91 -18.28
C HIS D 29 22.01 19.78 -17.44
N PHE D 30 21.24 18.73 -17.17
CA PHE D 30 21.77 17.53 -16.53
C PHE D 30 23.04 17.04 -17.22
N LEU D 31 22.96 16.84 -18.54
CA LEU D 31 24.04 16.24 -19.32
C LEU D 31 25.33 17.06 -19.29
N GLU D 32 25.18 18.38 -19.37
CA GLU D 32 26.31 19.30 -19.24
C GLU D 32 27.01 19.13 -17.88
N SER D 33 26.24 19.10 -16.79
CA SER D 33 26.78 18.81 -15.44
C SER D 33 27.42 17.43 -15.35
N TYR D 34 26.68 16.41 -15.79
CA TYR D 34 27.15 15.04 -15.74
C TYR D 34 28.48 14.86 -16.49
N LYS D 35 28.54 15.33 -17.73
CA LYS D 35 29.77 15.21 -18.53
C LYS D 35 31.01 15.78 -17.80
N GLU D 36 30.81 16.81 -16.98
CA GLU D 36 31.89 17.45 -16.22
C GLU D 36 32.44 16.59 -15.09
N LEU D 37 31.57 15.77 -14.49
CA LEU D 37 31.89 15.08 -13.25
C LEU D 37 32.26 13.62 -13.41
N ILE D 38 31.84 12.98 -14.50
CA ILE D 38 32.05 11.55 -14.64
C ILE D 38 33.54 11.20 -14.75
N SER D 39 33.88 10.00 -14.28
CA SER D 39 35.27 9.53 -14.32
C SER D 39 35.67 9.23 -15.74
N ASN D 40 36.98 9.03 -15.93
CA ASN D 40 37.54 8.60 -17.21
C ASN D 40 37.03 7.25 -17.69
N ASN D 41 36.51 6.47 -16.75
CA ASN D 41 36.04 5.11 -17.03
C ASN D 41 34.59 5.06 -17.53
N GLU D 42 33.88 6.17 -17.42
CA GLU D 42 32.46 6.22 -17.75
C GLU D 42 32.21 6.43 -19.25
N THR D 43 31.33 5.60 -19.83
CA THR D 43 30.89 5.79 -21.19
C THR D 43 29.40 6.15 -21.18
N ILE D 44 28.93 6.87 -22.20
CA ILE D 44 27.52 7.26 -22.29
C ILE D 44 26.99 6.94 -23.66
N GLU D 45 25.75 6.45 -23.71
CA GLU D 45 25.05 6.20 -24.96
C GLU D 45 23.64 6.77 -24.85
N GLN D 46 23.04 7.06 -26.00
CA GLN D 46 21.69 7.62 -26.03
C GLN D 46 20.83 6.96 -27.10
N ILE D 47 19.57 6.72 -26.78
CA ILE D 47 18.60 6.20 -27.73
C ILE D 47 17.41 7.15 -27.77
N ASN D 48 17.09 7.62 -28.97
CA ASN D 48 15.93 8.50 -29.15
C ASN D 48 14.72 7.69 -29.61
N LEU D 49 13.77 7.47 -28.70
CA LEU D 49 12.63 6.59 -28.98
C LEU D 49 11.74 7.04 -30.15
N TYR D 50 11.79 8.34 -30.47
CA TYR D 50 10.97 8.90 -31.54
C TYR D 50 11.78 9.23 -32.81
N ASP D 51 13.01 8.77 -32.88
CA ASP D 51 13.83 8.97 -34.07
C ASP D 51 14.55 7.68 -34.49
N ASP D 52 14.95 6.88 -33.51
CA ASP D 52 15.59 5.60 -33.78
C ASP D 52 14.54 4.49 -34.01
N VAL D 53 14.95 3.34 -34.56
CA VAL D 53 14.04 2.21 -34.74
C VAL D 53 13.81 1.46 -33.42
N VAL D 54 12.57 1.51 -32.91
CA VAL D 54 12.22 0.81 -31.68
C VAL D 54 11.01 -0.08 -31.94
N PRO D 55 11.27 -1.38 -32.21
CA PRO D 55 10.21 -2.28 -32.67
C PRO D 55 9.03 -2.39 -31.71
N MSE D 56 7.85 -2.21 -32.29
CA MSE D 56 6.59 -2.42 -31.60
C MSE D 56 6.27 -3.91 -31.65
O MSE D 56 6.60 -4.57 -32.64
CB MSE D 56 5.53 -1.65 -32.38
CG MSE D 56 4.14 -1.72 -31.84
SE MSE D 56 3.02 -0.78 -33.11
CE MSE D 56 2.95 -2.13 -34.51
N ILE D 57 5.65 -4.44 -30.62
CA ILE D 57 5.13 -5.81 -30.70
C ILE D 57 3.91 -5.87 -31.65
N ASP D 58 4.10 -6.50 -32.80
CA ASP D 58 3.02 -6.72 -33.78
C ASP D 58 2.95 -8.19 -34.20
N LYS D 59 2.15 -8.51 -35.21
CA LYS D 59 1.98 -9.88 -35.69
C LYS D 59 3.30 -10.55 -36.05
N THR D 60 4.17 -9.80 -36.71
CA THR D 60 5.48 -10.29 -37.13
C THR D 60 6.38 -10.66 -35.95
N VAL D 61 6.39 -9.82 -34.92
CA VAL D 61 7.16 -10.08 -33.71
C VAL D 61 6.62 -11.30 -32.94
N LEU D 62 5.30 -11.36 -32.76
CA LEU D 62 4.68 -12.50 -32.07
C LEU D 62 4.92 -13.81 -32.82
N SER D 63 4.95 -13.74 -34.15
CA SER D 63 5.24 -14.89 -34.98
C SER D 63 6.69 -15.35 -34.81
N ALA D 64 7.60 -14.38 -34.91
CA ALA D 64 9.03 -14.65 -34.72
C ALA D 64 9.29 -15.31 -33.37
N TRP D 65 8.64 -14.81 -32.32
CA TRP D 65 8.83 -15.33 -30.96
C TRP D 65 8.31 -16.76 -30.79
N GLU D 66 7.15 -17.05 -31.39
CA GLU D 66 6.59 -18.39 -31.34
C GLU D 66 7.54 -19.37 -32.05
N LYS D 67 8.04 -18.97 -33.21
CA LYS D 67 9.01 -19.77 -33.95
C LYS D 67 10.28 -19.98 -33.15
N GLN D 68 10.85 -18.89 -32.64
CA GLN D 68 12.05 -18.97 -31.81
C GLN D 68 11.86 -19.97 -30.66
N GLY D 69 10.67 -19.93 -30.06
CA GLY D 69 10.33 -20.84 -28.99
C GLY D 69 10.13 -22.28 -29.44
N ASN D 70 9.80 -22.47 -30.71
CA ASN D 70 9.62 -23.81 -31.28
C ASN D 70 10.85 -24.29 -32.04
N GLY D 71 11.89 -23.45 -32.07
CA GLY D 71 13.14 -23.81 -32.73
C GLY D 71 13.11 -23.74 -34.24
N GLN D 72 12.11 -23.08 -34.79
CA GLN D 72 11.98 -22.96 -36.25
C GLN D 72 12.72 -21.74 -36.80
N GLU D 73 13.03 -21.79 -38.10
CA GLU D 73 13.71 -20.70 -38.77
C GLU D 73 12.79 -19.51 -38.98
N LEU D 74 13.34 -18.30 -38.84
CA LEU D 74 12.57 -17.07 -39.03
C LEU D 74 12.69 -16.60 -40.49
N THR D 75 11.65 -15.93 -40.97
CA THR D 75 11.69 -15.27 -42.28
C THR D 75 12.72 -14.16 -42.22
N ARG D 76 13.03 -13.56 -43.37
CA ARG D 76 14.01 -12.50 -43.42
C ARG D 76 13.55 -11.29 -42.58
N GLU D 77 12.25 -11.04 -42.61
CA GLU D 77 11.66 -9.91 -41.89
C GLU D 77 11.63 -10.17 -40.38
N GLU D 78 11.29 -11.39 -39.99
CA GLU D 78 11.31 -11.77 -38.58
C GLU D 78 12.72 -11.71 -37.99
N GLN D 79 13.71 -12.16 -38.77
CA GLN D 79 15.10 -12.05 -38.37
C GLN D 79 15.50 -10.61 -38.19
N LYS D 80 15.17 -9.77 -39.17
CA LYS D 80 15.52 -8.36 -39.09
C LYS D 80 14.99 -7.70 -37.82
N VAL D 81 13.69 -7.87 -37.55
CA VAL D 81 13.09 -7.21 -36.40
C VAL D 81 13.61 -7.74 -35.06
N THR D 82 13.76 -9.06 -34.95
CA THR D 82 14.27 -9.64 -33.70
C THR D 82 15.74 -9.27 -33.44
N GLU D 83 16.52 -9.10 -34.50
CA GLU D 83 17.91 -8.70 -34.35
C GLU D 83 17.99 -7.27 -33.79
N ARG D 84 17.10 -6.39 -34.24
CA ARG D 84 17.04 -5.03 -33.69
C ARG D 84 16.61 -5.06 -32.22
N MSE D 85 15.59 -5.87 -31.90
CA MSE D 85 15.14 -6.00 -30.51
C MSE D 85 16.24 -6.51 -29.61
O MSE D 85 16.40 -6.05 -28.48
CB MSE D 85 13.91 -6.90 -30.41
CG MSE D 85 12.72 -6.37 -31.17
SE MSE D 85 11.09 -7.39 -30.87
CE MSE D 85 10.50 -6.59 -29.19
N SER D 86 17.02 -7.47 -30.13
CA SER D 86 18.16 -8.00 -29.41
C SER D 86 19.20 -6.90 -29.13
N GLU D 87 19.44 -6.05 -30.13
CA GLU D 87 20.35 -4.91 -29.99
C GLU D 87 19.92 -3.93 -28.86
N ILE D 88 18.64 -3.55 -28.87
CA ILE D 88 18.10 -2.68 -27.83
C ILE D 88 18.22 -3.34 -26.44
N LEU D 89 17.88 -4.62 -26.37
CA LEU D 89 17.99 -5.37 -25.13
C LEU D 89 19.42 -5.37 -24.59
N GLN D 90 20.39 -5.67 -25.45
CA GLN D 90 21.76 -5.79 -24.97
C GLN D 90 22.30 -4.43 -24.55
N GLN D 91 21.89 -3.38 -25.27
CA GLN D 91 22.27 -2.03 -24.91
C GLN D 91 21.79 -1.68 -23.49
N PHE D 92 20.53 -1.98 -23.22
CA PHE D 92 19.96 -1.75 -21.90
C PHE D 92 20.68 -2.55 -20.81
N LYS D 93 20.88 -3.85 -21.05
CA LYS D 93 21.63 -4.66 -20.10
C LYS D 93 23.09 -4.20 -19.86
N SER D 94 23.70 -3.53 -20.84
CA SER D 94 25.09 -3.10 -20.75
C SER D 94 25.31 -1.84 -19.87
N ALA D 95 24.22 -1.20 -19.44
CA ALA D 95 24.29 0.04 -18.66
C ALA D 95 24.02 -0.18 -17.17
N ASN D 96 24.70 0.58 -16.30
CA ASN D 96 24.39 0.53 -14.86
C ASN D 96 23.80 1.84 -14.34
N THR D 97 23.76 2.84 -15.21
CA THR D 97 23.06 4.09 -14.93
C THR D 97 22.13 4.39 -16.10
N TYR D 98 20.89 4.74 -15.77
CA TYR D 98 19.85 5.04 -16.75
C TYR D 98 19.24 6.41 -16.53
N VAL D 99 19.02 7.12 -17.63
CA VAL D 99 18.30 8.39 -17.56
C VAL D 99 17.14 8.35 -18.54
N ILE D 100 15.93 8.51 -18.04
CA ILE D 100 14.75 8.55 -18.90
C ILE D 100 14.21 9.99 -18.92
N VAL D 101 14.01 10.50 -20.14
CA VAL D 101 13.48 11.85 -20.34
C VAL D 101 12.08 11.75 -20.96
N LEU D 102 11.08 12.38 -20.37
CA LEU D 102 9.73 12.30 -20.93
C LEU D 102 8.86 13.51 -20.59
N PRO D 103 7.96 13.88 -21.51
CA PRO D 103 6.83 14.75 -21.18
C PRO D 103 5.70 13.87 -20.71
N LEU D 104 4.87 14.40 -19.83
CA LEU D 104 3.71 13.65 -19.36
C LEU D 104 2.50 14.01 -20.22
N HIS D 105 2.11 13.09 -21.10
CA HIS D 105 0.93 13.23 -21.97
C HIS D 105 -0.11 12.23 -21.49
N ASN D 106 -1.24 12.73 -21.00
CA ASN D 106 -2.37 11.88 -20.62
C ASN D 106 -2.07 10.82 -19.56
N PHE D 107 -1.31 11.21 -18.55
CA PHE D 107 -1.15 10.43 -17.31
C PHE D 107 -0.49 9.04 -17.43
N ASN D 108 0.34 8.84 -18.43
CA ASN D 108 1.02 7.55 -18.59
C ASN D 108 2.27 7.78 -19.41
N ILE D 109 3.13 6.76 -19.54
CA ILE D 109 4.34 6.90 -20.35
C ILE D 109 3.98 7.06 -21.83
N PRO D 110 4.85 7.74 -22.61
CA PRO D 110 4.70 7.87 -24.06
C PRO D 110 4.61 6.50 -24.72
N SER D 111 3.79 6.38 -25.76
CA SER D 111 3.58 5.10 -26.42
C SER D 111 4.90 4.42 -26.84
N LYS D 112 5.84 5.20 -27.37
CA LYS D 112 7.12 4.61 -27.77
C LYS D 112 7.95 4.13 -26.59
N LEU D 113 7.73 4.71 -25.41
CA LEU D 113 8.35 4.21 -24.18
C LEU D 113 7.75 2.85 -23.77
N LYS D 114 6.45 2.65 -24.03
CA LYS D 114 5.87 1.31 -23.87
C LYS D 114 6.54 0.27 -24.79
N ASP D 115 6.75 0.61 -26.07
CA ASP D 115 7.47 -0.27 -27.00
C ASP D 115 8.88 -0.56 -26.49
N TYR D 116 9.51 0.46 -25.91
CA TYR D 116 10.86 0.28 -25.39
C TYR D 116 10.83 -0.75 -24.27
N MSE D 117 9.87 -0.62 -23.35
CA MSE D 117 9.70 -1.59 -22.25
C MSE D 117 9.48 -3.01 -22.79
O MSE D 117 9.99 -3.98 -22.21
CB MSE D 117 8.51 -1.21 -21.35
CG MSE D 117 8.60 0.16 -20.70
SE MSE D 117 10.15 0.42 -19.56
CE MSE D 117 9.85 -1.01 -18.26
N ASP D 118 8.72 -3.11 -23.88
CA ASP D 118 8.46 -4.39 -24.55
C ASP D 118 9.73 -5.03 -25.15
N ASN D 119 10.73 -4.20 -25.45
CA ASN D 119 12.05 -4.66 -25.94
C ASN D 119 12.99 -5.13 -24.82
N ILE D 120 12.89 -4.50 -23.64
CA ILE D 120 13.86 -4.74 -22.56
C ILE D 120 13.38 -5.65 -21.42
N MSE D 121 12.06 -5.82 -21.27
CA MSE D 121 11.54 -6.77 -20.29
C MSE D 121 11.39 -8.17 -20.94
O MSE D 121 10.34 -8.50 -21.49
CB MSE D 121 10.21 -6.29 -19.69
CG MSE D 121 10.38 -5.11 -18.75
SE MSE D 121 8.68 -4.61 -17.94
CE MSE D 121 8.32 -6.21 -16.91
N ILE D 122 12.47 -8.94 -20.87
CA ILE D 122 12.57 -10.21 -21.59
C ILE D 122 12.96 -11.32 -20.62
N ALA D 123 12.20 -12.43 -20.61
CA ALA D 123 12.49 -13.54 -19.69
C ALA D 123 13.84 -14.18 -19.98
N ARG D 124 14.52 -14.58 -18.90
CA ARG D 124 15.89 -15.15 -18.95
C ARG D 124 16.99 -14.12 -19.25
N GLU D 125 16.59 -12.87 -19.51
CA GLU D 125 17.52 -11.78 -19.82
C GLU D 125 17.49 -10.68 -18.75
N THR D 126 16.32 -10.08 -18.51
CA THR D 126 16.23 -9.04 -17.48
C THR D 126 15.37 -9.47 -16.28
N PHE D 127 14.63 -10.57 -16.47
CA PHE D 127 13.89 -11.21 -15.39
C PHE D 127 13.70 -12.70 -15.72
N LYS D 128 13.31 -13.49 -14.74
CA LYS D 128 13.00 -14.90 -14.97
C LYS D 128 11.78 -15.35 -14.18
N TYR D 129 11.12 -16.37 -14.68
CA TYR D 129 10.00 -16.98 -13.98
C TYR D 129 10.54 -17.89 -12.90
N THR D 130 9.84 -17.95 -11.77
CA THR D 130 10.19 -18.87 -10.70
C THR D 130 8.97 -19.72 -10.40
N GLU D 131 9.12 -20.71 -9.52
CA GLU D 131 7.99 -21.59 -9.27
C GLU D 131 6.90 -20.93 -8.46
N THR D 132 7.08 -19.64 -8.19
CA THR D 132 6.09 -18.87 -7.43
C THR D 132 5.64 -17.61 -8.18
N GLY D 133 6.30 -17.31 -9.29
CA GLY D 133 5.99 -16.12 -10.04
C GLY D 133 7.14 -15.71 -10.94
N SER D 134 7.85 -14.66 -10.56
CA SER D 134 8.99 -14.18 -11.35
C SER D 134 9.88 -13.23 -10.54
N VAL D 135 11.13 -13.08 -10.97
CA VAL D 135 12.08 -12.22 -10.28
C VAL D 135 13.01 -11.54 -11.27
N GLY D 136 13.45 -10.33 -10.96
CA GLY D 136 14.34 -9.58 -11.84
C GLY D 136 15.76 -10.14 -11.82
N LEU D 137 16.50 -9.90 -12.90
CA LEU D 137 17.87 -10.41 -13.00
C LEU D 137 18.91 -9.28 -12.94
N LEU D 138 18.46 -8.03 -12.76
CA LEU D 138 19.37 -6.89 -12.74
C LEU D 138 19.56 -6.34 -11.32
N LYS D 139 19.89 -7.24 -10.39
CA LYS D 139 20.03 -6.87 -8.98
C LYS D 139 21.48 -6.58 -8.61
N ASP D 140 22.12 -5.67 -9.33
CA ASP D 140 23.55 -5.41 -9.14
C ASP D 140 23.93 -3.94 -8.92
N GLY D 141 23.07 -3.20 -8.23
CA GLY D 141 23.36 -1.82 -7.87
C GLY D 141 23.21 -0.76 -8.95
N ARG D 142 22.31 -0.98 -9.92
CA ARG D 142 22.10 0.02 -10.97
C ARG D 142 21.27 1.22 -10.47
N ARG D 143 21.33 2.33 -11.21
CA ARG D 143 20.68 3.56 -10.78
CA ARG D 143 20.67 3.55 -10.78
C ARG D 143 19.85 4.16 -11.91
N MSE D 144 18.71 4.72 -11.55
CA MSE D 144 17.80 5.27 -12.53
CA MSE D 144 17.80 5.29 -12.54
C MSE D 144 17.40 6.70 -12.18
O MSE D 144 17.03 6.98 -11.04
CB MSE D 144 16.55 4.41 -12.62
CB MSE D 144 16.56 4.40 -12.69
CG MSE D 144 15.37 5.12 -13.25
CG MSE D 144 15.38 5.08 -13.40
SE MSE D 144 14.23 3.91 -14.23
SE MSE D 144 15.56 5.30 -15.35
CE MSE D 144 15.58 2.94 -15.27
CE MSE D 144 15.52 3.41 -15.90
N LEU D 145 17.49 7.59 -13.16
CA LEU D 145 17.01 8.96 -13.00
C LEU D 145 15.91 9.23 -14.04
N VAL D 146 14.74 9.64 -13.57
CA VAL D 146 13.66 10.02 -14.48
C VAL D 146 13.51 11.54 -14.48
N ILE D 147 13.53 12.15 -15.66
CA ILE D 147 13.29 13.59 -15.78
C ILE D 147 11.93 13.76 -16.45
N GLN D 148 10.94 14.27 -15.72
CA GLN D 148 9.58 14.32 -16.24
C GLN D 148 8.99 15.73 -16.23
N ALA D 149 8.59 16.22 -17.40
CA ALA D 149 7.95 17.54 -17.47
C ALA D 149 6.44 17.41 -17.57
N SER D 150 5.71 18.23 -16.82
CA SER D 150 4.26 18.11 -16.79
C SER D 150 3.60 19.46 -16.61
N GLY D 151 2.41 19.62 -17.17
CA GLY D 151 1.65 20.84 -17.01
C GLY D 151 1.12 20.94 -15.60
N GLY D 152 0.69 19.81 -15.05
CA GLY D 152 0.13 19.79 -13.71
C GLY D 152 1.15 19.50 -12.63
N ILE D 153 0.71 19.69 -11.38
CA ILE D 153 1.55 19.43 -10.22
C ILE D 153 1.12 18.14 -9.56
N TYR D 154 2.11 17.28 -9.25
CA TYR D 154 1.84 15.88 -8.83
C TYR D 154 2.22 15.54 -7.39
N THR D 155 2.71 16.55 -6.67
CA THR D 155 3.24 16.34 -5.32
C THR D 155 2.32 16.91 -4.23
N ASN D 156 1.01 16.94 -4.48
CA ASN D 156 0.06 17.43 -3.48
C ASN D 156 -0.79 16.33 -2.83
N ASP D 157 -0.41 15.07 -3.09
CA ASP D 157 -1.12 13.92 -2.52
C ASP D 157 -2.62 14.04 -2.75
N ASP D 158 -2.98 14.25 -4.01
CA ASP D 158 -4.37 14.38 -4.41
C ASP D 158 -4.60 13.52 -5.66
N TRP D 159 -5.68 13.80 -6.38
CA TRP D 159 -6.03 12.99 -7.55
C TRP D 159 -4.87 12.89 -8.55
N TYR D 160 -4.20 14.00 -8.82
CA TYR D 160 -3.06 13.99 -9.74
C TYR D 160 -1.96 13.02 -9.29
N THR D 161 -1.62 13.05 -8.01
CA THR D 161 -0.66 12.11 -7.45
C THR D 161 -1.11 10.67 -7.72
N ASP D 162 -2.40 10.42 -7.57
CA ASP D 162 -2.96 9.08 -7.64
C ASP D 162 -2.97 8.53 -9.06
N VAL D 163 -3.04 9.41 -10.05
CA VAL D 163 -3.11 8.98 -11.45
C VAL D 163 -1.84 9.30 -12.20
N GLU D 164 -0.74 9.48 -11.47
CA GLU D 164 0.58 9.71 -12.08
C GLU D 164 1.19 8.37 -12.49
N TYR D 165 0.57 7.70 -13.46
CA TYR D 165 0.93 6.32 -13.79
C TYR D 165 2.26 6.20 -14.54
N SER D 166 2.74 7.30 -15.10
CA SER D 166 4.06 7.32 -15.71
C SER D 166 5.10 6.90 -14.66
N HIS D 167 5.18 7.68 -13.57
CA HIS D 167 6.06 7.42 -12.42
C HIS D 167 5.76 6.10 -11.71
N LYS D 168 4.50 5.84 -11.38
CA LYS D 168 4.12 4.62 -10.69
C LYS D 168 4.57 3.38 -11.49
N TYR D 169 4.34 3.41 -12.80
CA TYR D 169 4.72 2.32 -13.69
C TYR D 169 6.24 2.16 -13.80
N LEU D 170 6.93 3.25 -14.10
CA LEU D 170 8.38 3.19 -14.31
C LEU D 170 9.09 2.70 -13.06
N LYS D 171 8.71 3.26 -11.91
CA LYS D 171 9.29 2.83 -10.64
C LYS D 171 9.03 1.36 -10.35
N ALA D 172 7.77 0.94 -10.48
CA ALA D 172 7.39 -0.46 -10.26
C ALA D 172 8.15 -1.43 -11.17
N MSE D 173 8.26 -1.10 -12.46
CA MSE D 173 8.90 -1.99 -13.45
C MSE D 173 10.40 -2.12 -13.22
O MSE D 173 10.95 -3.20 -13.27
CB MSE D 173 8.67 -1.52 -14.89
CG MSE D 173 7.24 -1.67 -15.40
SE MSE D 173 6.47 -3.46 -15.14
CE MSE D 173 5.64 -3.21 -13.38
N PHE D 174 11.06 -0.99 -12.98
CA PHE D 174 12.50 -1.04 -12.79
C PHE D 174 12.86 -1.60 -11.40
N ASN D 175 12.00 -1.40 -10.42
CA ASN D 175 12.17 -2.03 -9.13
C ASN D 175 12.13 -3.56 -9.27
N PHE D 176 11.11 -4.03 -9.99
CA PHE D 176 10.94 -5.44 -10.32
C PHE D 176 12.18 -6.05 -11.01
N LEU D 177 12.73 -5.34 -11.99
CA LEU D 177 13.92 -5.79 -12.72
C LEU D 177 15.14 -5.82 -11.80
N GLY D 178 15.06 -5.09 -10.69
CA GLY D 178 16.12 -5.10 -9.69
C GLY D 178 16.78 -3.74 -9.51
N ILE D 179 16.34 -2.76 -10.28
CA ILE D 179 16.86 -1.39 -10.19
C ILE D 179 16.08 -0.63 -9.12
N GLU D 180 16.65 -0.59 -7.92
CA GLU D 180 15.95 -0.04 -6.75
C GLU D 180 16.36 1.39 -6.42
N ASP D 181 17.51 1.82 -6.95
CA ASP D 181 17.94 3.20 -6.83
C ASP D 181 17.24 4.03 -7.89
N TYR D 182 16.19 4.74 -7.47
CA TYR D 182 15.30 5.47 -8.38
C TYR D 182 15.01 6.89 -7.89
N GLN D 183 15.19 7.87 -8.78
CA GLN D 183 14.84 9.26 -8.50
C GLN D 183 14.08 9.82 -9.68
N ILE D 184 13.00 10.54 -9.38
CA ILE D 184 12.31 11.29 -10.41
C ILE D 184 12.43 12.79 -10.14
N VAL D 185 12.88 13.53 -11.14
CA VAL D 185 12.86 14.99 -11.10
C VAL D 185 11.62 15.45 -11.85
N ARG D 186 10.71 16.09 -11.14
CA ARG D 186 9.47 16.57 -11.75
C ARG D 186 9.56 18.05 -12.14
N ALA D 187 9.75 18.30 -13.44
CA ALA D 187 9.67 19.67 -13.97
C ALA D 187 8.18 19.97 -14.21
N GLN D 188 7.45 20.11 -13.12
CA GLN D 188 5.99 20.10 -13.12
C GLN D 188 5.38 21.49 -13.02
N GLY D 189 4.08 21.57 -13.30
CA GLY D 189 3.34 22.81 -13.25
C GLY D 189 3.64 23.79 -14.37
N THR D 190 4.09 23.29 -15.52
CA THR D 190 4.42 24.17 -16.64
C THR D 190 3.19 24.94 -17.13
N ALA D 191 2.01 24.43 -16.78
CA ALA D 191 0.75 25.07 -17.14
C ALA D 191 0.31 26.15 -16.16
N VAL D 192 0.90 26.13 -14.96
CA VAL D 192 0.45 27.01 -13.88
C VAL D 192 1.54 27.89 -13.24
N LEU D 193 2.78 27.40 -13.21
CA LEU D 193 3.85 28.11 -12.52
C LEU D 193 4.63 29.00 -13.50
N ASP D 194 5.42 29.93 -12.96
CA ASP D 194 6.30 30.74 -13.78
C ASP D 194 7.32 29.81 -14.44
N PRO D 195 7.42 29.89 -15.78
CA PRO D 195 8.35 29.06 -16.57
C PRO D 195 9.82 29.14 -16.12
N THR D 196 10.26 30.30 -15.65
CA THR D 196 11.62 30.44 -15.14
C THR D 196 11.80 29.69 -13.83
N GLU D 197 10.77 29.73 -12.98
CA GLU D 197 10.78 29.01 -11.71
C GLU D 197 10.86 27.50 -11.92
N VAL D 198 10.05 27.00 -12.84
CA VAL D 198 10.07 25.58 -13.17
C VAL D 198 11.46 25.14 -13.63
N LEU D 199 12.04 25.86 -14.60
CA LEU D 199 13.36 25.50 -15.10
C LEU D 199 14.43 25.54 -14.02
N GLN D 200 14.51 26.66 -13.29
CA GLN D 200 15.53 26.83 -12.28
C GLN D 200 15.44 25.77 -11.17
N ASN D 201 14.24 25.51 -10.67
CA ASN D 201 14.08 24.47 -9.65
C ASN D 201 14.50 23.09 -10.17
N ALA D 202 14.18 22.83 -11.44
CA ALA D 202 14.50 21.54 -12.05
C ALA D 202 16.00 21.43 -12.35
N TYR D 203 16.59 22.52 -12.84
CA TYR D 203 18.03 22.60 -13.04
C TYR D 203 18.78 22.24 -11.77
N LYS D 204 18.32 22.77 -10.64
CA LYS D 204 18.99 22.56 -9.38
C LYS D 204 18.95 21.08 -9.01
N GLU D 205 17.78 20.47 -9.17
CA GLU D 205 17.65 19.04 -8.89
C GLU D 205 18.54 18.14 -9.76
N VAL D 206 18.61 18.41 -11.07
CA VAL D 206 19.40 17.57 -11.96
C VAL D 206 20.91 17.80 -11.83
N GLU D 207 21.31 18.95 -11.28
CA GLU D 207 22.69 19.20 -10.93
C GLU D 207 23.10 18.34 -9.74
N GLU D 208 22.22 18.24 -8.74
CA GLU D 208 22.45 17.38 -7.59
C GLU D 208 22.47 15.90 -8.00
N ALA D 209 21.53 15.52 -8.87
CA ALA D 209 21.48 14.16 -9.41
C ALA D 209 22.75 13.83 -10.19
N ALA D 210 23.22 14.76 -11.02
CA ALA D 210 24.44 14.55 -11.82
C ALA D 210 25.62 14.32 -10.91
N SER D 211 25.70 15.09 -9.83
CA SER D 211 26.73 14.95 -8.81
C SER D 211 26.65 13.60 -8.13
N ARG D 212 25.44 13.23 -7.71
CA ARG D 212 25.23 11.96 -7.02
C ARG D 212 25.58 10.77 -7.89
N LEU D 213 25.12 10.80 -9.15
CA LEU D 213 25.37 9.71 -10.08
C LEU D 213 26.82 9.62 -10.54
N ALA D 214 27.55 10.74 -10.47
CA ALA D 214 28.98 10.74 -10.82
C ALA D 214 29.85 10.51 -9.58
N ASN D 215 29.22 10.49 -8.40
CA ASN D 215 29.91 10.34 -7.13
C ASN D 215 30.89 11.48 -6.87
N LYS D 216 30.44 12.72 -7.10
CA LYS D 216 31.25 13.90 -6.81
C LYS D 216 30.39 14.88 -6.03
N TYR D 217 31.03 15.81 -5.33
CA TYR D 217 30.30 16.90 -4.70
C TYR D 217 30.92 18.23 -5.07
N ILE D 218 30.11 19.15 -5.60
CA ILE D 218 30.60 20.47 -5.99
C ILE D 218 30.36 21.46 -4.86
N PHE D 219 31.42 22.11 -4.41
CA PHE D 219 31.31 23.10 -3.33
C PHE D 219 31.99 24.42 -3.70
N SER D 220 31.33 25.54 -3.38
CA SER D 220 31.90 26.87 -3.57
C SER D 220 31.70 27.71 -2.32
N LEU D 221 32.63 28.61 -2.03
CA LEU D 221 32.46 29.54 -0.93
C LEU D 221 31.56 30.68 -1.37
N GLU D 222 31.06 31.44 -0.41
CA GLU D 222 30.21 32.59 -0.70
C GLU D 222 30.99 33.90 -0.55
CL CL E . 5.01 12.68 24.60
CL CL F . 9.99 -0.84 37.62
C1 GOL G . 0.62 11.37 25.75
O1 GOL G . -0.60 11.69 26.36
C2 GOL G . 1.65 12.42 26.12
O2 GOL G . 1.94 13.20 24.97
C3 GOL G . 1.11 13.34 27.21
O3 GOL G . 2.20 14.07 27.74
C1 GOL H . 28.02 8.89 19.78
O1 GOL H . 28.24 8.50 21.12
C2 GOL H . 27.72 7.67 18.94
O2 GOL H . 27.00 8.04 17.79
C3 GOL H . 29.03 7.02 18.51
O3 GOL H . 29.47 6.18 19.55
C1 PEG I . -11.53 6.39 36.70
O1 PEG I . -10.77 6.90 37.74
C2 PEG I . -12.63 5.45 37.04
O2 PEG I . -12.28 4.26 37.65
C3 PEG I . -13.15 3.19 37.59
C4 PEG I . -13.55 2.71 36.24
O4 PEG I . -13.49 1.35 35.99
CL CL J . -4.65 -12.46 -25.61
CL CL K . -13.68 -2.47 -11.55
CL CL L . -18.59 8.42 -36.40
C1 GOL M . -1.97 -12.38 -23.31
O1 GOL M . -0.84 -11.60 -22.97
C2 GOL M . -2.18 -13.48 -22.27
O2 GOL M . -2.87 -14.58 -22.83
C3 GOL M . -0.83 -13.95 -21.74
O3 GOL M . 0.11 -13.91 -22.78
CL CL N . -7.21 -17.87 15.85
CL CL O . 8.50 18.66 -22.19
C1 GOL P . -1.36 15.56 -20.66
O1 GOL P . -2.60 15.88 -20.04
C2 GOL P . -1.09 16.50 -21.83
O2 GOL P . -0.11 17.45 -21.43
C3 GOL P . -0.61 15.71 -23.06
O3 GOL P . -1.60 15.58 -24.06
#